data_8VD5
#
_entry.id   8VD5
#
_cell.length_a   1.00
_cell.length_b   1.00
_cell.length_c   1.00
_cell.angle_alpha   90.00
_cell.angle_beta   90.00
_cell.angle_gamma   90.00
#
_symmetry.space_group_name_H-M   'P 1'
#
_entity_poly.entity_id   1
_entity_poly.type   'polypeptide(L)'
_entity_poly.pdbx_seq_one_letter_code
;MEQTQKLKLNLQHFASNNVKPQVFNPDNVMMHEKKDGTLMNEFTTPILQEVMENSKIMQLGKYEPMEGTEKKFTFWADKP
GAYWVGEGQKIETSKATWVNATMRAFKLGVILPVTKEFLNYTYSQFFEEMKPMIAEAFYKKFDEAGILNQGNNPFGKSIA
QSIEKTNKVIKGDFTQDNIIDLEALLEDDELEANAFISKTQNRSLLRKIVDPETKERIYDRNSDSLDGLPVVNLKSSNLK
RGELITGDFDKLIYGIPQLIEYKIDETAQLSTVKNEDGTPVNLFEQDMVALRATMHVALHIADDKAFAKLVPADKRTDSV
PGEV
;
_entity_poly.pdbx_strand_id   A,B,C,D
#
# COMPACT_ATOMS: atom_id res chain seq x y z
N SER A 16 -84.15 -6.17 36.84
CA SER A 16 -84.31 -5.36 38.09
C SER A 16 -85.32 -4.22 37.91
N ASN A 17 -85.07 -3.31 36.98
CA ASN A 17 -85.91 -2.12 36.80
C ASN A 17 -86.03 -1.29 38.09
N ASN A 18 -84.97 -1.30 38.89
CA ASN A 18 -84.90 -0.53 40.14
C ASN A 18 -84.69 0.95 39.84
N VAL A 19 -85.64 1.80 40.24
CA VAL A 19 -85.64 3.19 39.80
C VAL A 19 -85.11 4.19 40.83
N LYS A 20 -85.04 3.83 42.10
CA LYS A 20 -84.49 4.73 43.11
C LYS A 20 -83.01 5.04 42.81
N PRO A 21 -82.54 6.24 43.15
CA PRO A 21 -81.21 6.68 42.71
C PRO A 21 -80.07 5.89 43.34
N GLN A 22 -78.94 5.91 42.63
CA GLN A 22 -77.72 5.21 43.03
C GLN A 22 -77.07 5.87 44.25
N VAL A 23 -76.88 5.12 45.33
CA VAL A 23 -75.99 5.52 46.42
C VAL A 23 -74.53 5.32 46.01
N PHE A 24 -73.67 6.26 46.40
CA PHE A 24 -72.24 6.19 46.13
C PHE A 24 -71.45 6.38 47.42
N ASN A 25 -70.20 5.92 47.39
CA ASN A 25 -69.24 6.07 48.48
C ASN A 25 -67.86 6.25 47.86
N PRO A 26 -67.11 7.36 48.10
CA PRO A 26 -67.26 8.48 49.05
C PRO A 26 -68.48 9.39 48.90
N ASP A 27 -69.39 9.19 47.95
CA ASP A 27 -70.53 10.10 47.76
C ASP A 27 -70.14 11.45 47.18
N ASN A 28 -69.07 11.49 46.39
CA ASN A 28 -68.64 12.71 45.72
C ASN A 28 -69.42 13.01 44.44
N VAL A 29 -70.35 12.13 44.03
CA VAL A 29 -71.07 12.29 42.76
C VAL A 29 -72.20 13.30 42.92
N MET A 30 -72.28 14.24 41.98
CA MET A 30 -73.42 15.16 41.89
C MET A 30 -74.62 14.46 41.23
N MET A 31 -75.80 14.63 41.83
CA MET A 31 -77.01 13.95 41.41
C MET A 31 -78.18 14.92 41.30
N HIS A 32 -79.06 14.66 40.32
CA HIS A 32 -80.23 15.49 40.08
C HIS A 32 -81.36 15.24 41.06
N GLU A 33 -81.53 14.03 41.57
CA GLU A 33 -82.56 13.76 42.57
C GLU A 33 -81.99 13.17 43.85
N LYS A 34 -82.58 13.58 44.97
CA LYS A 34 -82.24 13.08 46.30
C LYS A 34 -82.99 11.77 46.57
N LYS A 35 -82.50 10.99 47.53
CA LYS A 35 -83.13 9.71 47.84
C LYS A 35 -84.53 9.84 48.42
N ASP A 36 -84.91 11.00 48.94
CA ASP A 36 -86.29 11.21 49.35
C ASP A 36 -87.23 11.47 48.17
N GLY A 37 -86.70 11.54 46.95
CA GLY A 37 -87.47 11.80 45.76
C GLY A 37 -87.52 13.24 45.29
N THR A 38 -86.83 14.16 45.97
CA THR A 38 -86.79 15.56 45.54
C THR A 38 -85.98 15.70 44.27
N LEU A 39 -86.65 15.94 43.14
CA LEU A 39 -85.95 16.32 41.93
C LEU A 39 -85.58 17.80 41.99
N MET A 40 -84.30 18.10 41.77
CA MET A 40 -83.79 19.48 41.84
C MET A 40 -83.92 20.21 40.50
N ASN A 41 -85.14 20.33 40.01
CA ASN A 41 -85.48 21.25 38.94
C ASN A 41 -85.54 22.70 39.44
N GLU A 42 -85.46 23.64 38.49
CA GLU A 42 -85.54 25.08 38.78
C GLU A 42 -84.46 25.55 39.76
N PHE A 43 -83.32 24.87 39.74
CA PHE A 43 -82.20 25.15 40.61
C PHE A 43 -81.55 26.51 40.30
N THR A 44 -81.10 27.20 41.35
CA THR A 44 -80.45 28.52 41.24
C THR A 44 -78.93 28.39 41.34
N THR A 45 -78.23 28.95 40.36
CA THR A 45 -76.76 28.96 40.33
C THR A 45 -76.17 29.59 41.60
N PRO A 46 -75.34 28.88 42.36
CA PRO A 46 -74.78 29.45 43.59
C PRO A 46 -73.98 30.72 43.33
N ILE A 47 -73.79 31.50 44.39
CA ILE A 47 -72.90 32.65 44.37
C ILE A 47 -71.93 32.54 45.55
N LEU A 48 -70.64 32.81 45.27
CA LEU A 48 -69.59 32.66 46.28
C LEU A 48 -69.70 33.70 47.39
N GLN A 49 -69.54 33.25 48.64
CA GLN A 49 -69.70 34.14 49.78
C GLN A 49 -68.54 35.13 49.91
N GLU A 50 -67.31 34.63 50.04
CA GLU A 50 -66.12 35.48 50.01
C GLU A 50 -65.68 35.78 48.58
N VAL A 51 -64.39 35.99 48.37
CA VAL A 51 -63.78 35.89 47.06
C VAL A 51 -62.63 34.89 47.13
N MET A 52 -62.41 34.19 46.03
CA MET A 52 -61.38 33.15 45.97
C MET A 52 -59.97 33.70 46.20
N GLU A 53 -59.15 32.93 46.91
CA GLU A 53 -57.77 33.29 47.21
C GLU A 53 -56.82 32.96 46.06
N ASN A 54 -55.84 33.84 45.86
CA ASN A 54 -54.68 33.56 45.01
C ASN A 54 -53.64 32.72 45.77
N SER A 55 -52.67 32.17 45.03
CA SER A 55 -51.52 31.52 45.66
C SER A 55 -50.60 32.53 46.32
N LYS A 56 -50.28 32.29 47.60
CA LYS A 56 -49.30 33.14 48.28
C LYS A 56 -47.87 32.85 47.83
N ILE A 57 -47.53 31.60 47.49
CA ILE A 57 -46.22 31.32 46.91
C ILE A 57 -46.03 32.07 45.60
N MET A 58 -47.00 31.98 44.71
CA MET A 58 -46.89 32.69 43.43
C MET A 58 -46.88 34.20 43.61
N GLN A 59 -47.42 34.71 44.71
CA GLN A 59 -47.33 36.14 45.02
C GLN A 59 -45.94 36.54 45.51
N LEU A 60 -45.36 35.75 46.41
CA LEU A 60 -44.10 36.08 47.04
C LEU A 60 -42.87 35.64 46.25
N GLY A 61 -42.88 34.43 45.69
CA GLY A 61 -41.67 33.83 45.13
C GLY A 61 -41.26 34.40 43.78
N LYS A 62 -40.01 34.08 43.40
CA LYS A 62 -39.52 34.35 42.05
C LYS A 62 -40.00 33.27 41.08
N TYR A 63 -40.54 33.69 39.94
CA TYR A 63 -40.84 32.76 38.85
C TYR A 63 -39.55 32.31 38.15
N GLU A 64 -39.53 31.05 37.72
CA GLU A 64 -38.40 30.50 36.96
C GLU A 64 -38.92 29.71 35.77
N PRO A 65 -38.88 30.28 34.55
CA PRO A 65 -39.39 29.56 33.37
C PRO A 65 -38.81 28.17 33.22
N MET A 66 -39.70 27.19 33.17
CA MET A 66 -39.35 25.77 33.18
C MET A 66 -40.20 25.06 32.13
N GLU A 67 -39.61 24.14 31.39
CA GLU A 67 -40.38 23.44 30.36
C GLU A 67 -40.21 21.92 30.47
N GLY A 68 -39.11 21.45 31.02
CA GLY A 68 -39.08 20.10 31.56
C GLY A 68 -39.76 20.05 32.92
N THR A 69 -39.87 18.83 33.46
CA THR A 69 -40.26 18.65 34.85
C THR A 69 -39.10 18.91 35.80
N GLU A 70 -37.94 19.31 35.31
CA GLU A 70 -36.79 19.54 36.19
C GLU A 70 -35.93 20.65 35.60
N LYS A 71 -35.28 21.39 36.49
CA LYS A 71 -34.46 22.55 36.14
C LYS A 71 -33.08 22.42 36.78
N LYS A 72 -32.07 22.93 36.09
CA LYS A 72 -30.75 23.16 36.68
C LYS A 72 -30.47 24.66 36.80
N PHE A 73 -30.13 25.11 38.00
CA PHE A 73 -29.73 26.50 38.24
C PHE A 73 -28.23 26.64 38.33
N THR A 74 -27.73 27.82 37.97
CA THR A 74 -26.45 28.32 38.42
C THR A 74 -26.67 29.60 39.22
N PHE A 75 -26.10 29.70 40.42
CA PHE A 75 -26.03 30.94 41.18
C PHE A 75 -24.58 31.32 41.43
N TRP A 76 -24.30 32.62 41.45
CA TRP A 76 -23.00 33.10 41.94
C TRP A 76 -22.84 32.84 43.44
N ALA A 77 -21.58 32.69 43.86
CA ALA A 77 -21.28 32.39 45.25
C ALA A 77 -20.16 33.26 45.81
N ASP A 78 -19.00 33.28 45.16
CA ASP A 78 -17.87 34.12 45.55
C ASP A 78 -17.67 35.23 44.52
N LYS A 79 -17.57 36.46 44.99
CA LYS A 79 -17.19 37.57 44.13
C LYS A 79 -15.67 37.64 43.99
N PRO A 80 -15.15 38.05 42.84
CA PRO A 80 -13.71 38.30 42.71
C PRO A 80 -13.27 39.52 43.51
N GLY A 81 -12.09 39.42 44.13
CA GLY A 81 -11.52 40.53 44.87
C GLY A 81 -10.82 41.56 44.00
N ALA A 82 -10.15 42.49 44.68
CA ALA A 82 -9.27 43.47 44.04
C ALA A 82 -8.16 43.83 45.02
N TYR A 83 -7.12 44.50 44.51
CA TYR A 83 -5.93 44.79 45.32
C TYR A 83 -5.44 46.21 45.09
N TRP A 84 -4.77 46.78 46.09
CA TRP A 84 -4.01 48.02 45.92
C TRP A 84 -2.62 47.66 45.41
N VAL A 85 -2.23 48.22 44.28
CA VAL A 85 -0.92 47.98 43.68
C VAL A 85 -0.15 49.28 43.58
N GLY A 86 1.08 49.27 44.09
CA GLY A 86 1.98 50.39 43.86
C GLY A 86 2.44 50.44 42.42
N GLU A 87 3.06 51.55 42.06
CA GLU A 87 3.50 51.73 40.68
C GLU A 87 4.52 50.65 40.31
N GLY A 88 4.17 49.84 39.31
CA GLY A 88 5.00 48.73 38.89
C GLY A 88 4.96 47.51 39.79
N GLN A 89 4.11 47.50 40.80
CA GLN A 89 3.87 46.30 41.60
C GLN A 89 2.94 45.32 40.86
N LYS A 90 3.11 44.03 41.16
CA LYS A 90 2.37 42.97 40.46
C LYS A 90 0.89 42.93 40.84
N ILE A 91 0.02 43.01 39.83
CA ILE A 91 -1.42 42.81 39.99
C ILE A 91 -1.71 41.33 40.24
N GLU A 92 -2.18 40.97 41.43
CA GLU A 92 -2.55 39.59 41.75
C GLU A 92 -3.92 39.20 41.17
N THR A 93 -4.17 37.89 41.10
CA THR A 93 -5.36 37.29 40.50
C THR A 93 -6.50 37.09 41.51
N SER A 94 -7.71 36.84 40.99
CA SER A 94 -8.83 36.43 41.85
C SER A 94 -9.86 35.61 41.07
N LYS A 95 -10.66 34.84 41.82
CA LYS A 95 -11.57 33.82 41.31
C LYS A 95 -13.02 34.17 41.63
N ALA A 96 -13.87 34.26 40.59
CA ALA A 96 -15.32 34.15 40.77
C ALA A 96 -15.76 32.69 40.88
N THR A 97 -16.72 32.42 41.77
CA THR A 97 -17.23 31.05 41.98
C THR A 97 -18.76 31.01 41.90
N TRP A 98 -19.30 29.89 41.44
CA TRP A 98 -20.74 29.66 41.37
C TRP A 98 -21.10 28.33 42.01
N VAL A 99 -22.40 28.15 42.30
CA VAL A 99 -22.93 26.93 42.90
C VAL A 99 -24.15 26.46 42.11
N ASN A 100 -24.29 25.13 41.97
CA ASN A 100 -25.42 24.50 41.30
C ASN A 100 -26.61 24.28 42.22
N ALA A 101 -27.82 24.36 41.65
CA ALA A 101 -29.04 23.96 42.34
C ALA A 101 -30.02 23.34 41.34
N THR A 102 -30.99 22.57 41.86
CA THR A 102 -31.97 21.92 41.00
C THR A 102 -33.32 21.79 41.68
N MET A 103 -34.39 21.86 40.86
CA MET A 103 -35.77 21.75 41.33
C MET A 103 -36.56 20.87 40.37
N ARG A 104 -37.49 20.07 40.90
CA ARG A 104 -38.36 19.21 40.10
C ARG A 104 -39.83 19.50 40.36
N ALA A 105 -40.66 19.25 39.34
CA ALA A 105 -42.11 19.36 39.42
C ALA A 105 -42.77 18.12 40.01
N PHE A 106 -44.00 18.32 40.52
CA PHE A 106 -44.91 17.24 40.87
C PHE A 106 -46.31 17.58 40.35
N LYS A 107 -47.16 16.55 40.24
CA LYS A 107 -48.47 16.68 39.60
C LYS A 107 -49.57 16.84 40.64
N LEU A 108 -50.38 17.88 40.48
CA LEU A 108 -51.66 18.06 41.15
C LEU A 108 -52.81 17.61 40.25
N GLY A 109 -53.86 17.03 40.84
CA GLY A 109 -55.04 16.71 40.06
C GLY A 109 -56.24 16.32 40.90
N VAL A 110 -57.43 16.52 40.32
CA VAL A 110 -58.69 16.15 40.96
C VAL A 110 -59.69 15.75 39.87
N ILE A 111 -60.70 14.96 40.25
CA ILE A 111 -61.80 14.55 39.37
C ILE A 111 -63.14 14.91 40.00
N LEU A 112 -64.03 15.50 39.20
CA LEU A 112 -65.41 15.83 39.63
C LEU A 112 -66.44 14.99 38.89
N PRO A 113 -66.91 13.87 39.46
CA PRO A 113 -67.95 13.06 38.80
C PRO A 113 -69.36 13.62 38.94
N VAL A 114 -70.15 13.49 37.86
CA VAL A 114 -71.48 14.08 37.75
C VAL A 114 -72.42 13.13 37.03
N THR A 115 -73.64 12.99 37.52
CA THR A 115 -74.68 12.24 36.84
C THR A 115 -75.24 13.07 35.68
N LYS A 116 -75.41 12.45 34.52
CA LYS A 116 -75.72 13.25 33.33
C LYS A 116 -77.08 13.94 33.40
N GLU A 117 -78.04 13.44 34.18
CA GLU A 117 -79.25 14.22 34.47
C GLU A 117 -78.92 15.54 35.15
N PHE A 118 -77.97 15.55 36.07
CA PHE A 118 -77.60 16.78 36.76
C PHE A 118 -77.08 17.81 35.78
N LEU A 119 -76.27 17.37 34.84
CA LEU A 119 -75.67 18.27 33.87
C LEU A 119 -76.66 18.74 32.80
N ASN A 120 -77.79 18.04 32.64
CA ASN A 120 -78.84 18.49 31.75
C ASN A 120 -79.85 19.39 32.46
N TYR A 121 -80.31 19.01 33.65
CA TYR A 121 -81.48 19.61 34.27
C TYR A 121 -81.16 20.46 35.50
N THR A 122 -80.26 20.05 36.37
CA THR A 122 -79.94 20.88 37.54
C THR A 122 -79.11 22.10 37.15
N TYR A 123 -77.94 21.88 36.56
CA TYR A 123 -76.90 22.91 36.56
C TYR A 123 -75.95 22.73 35.39
N SER A 124 -76.39 23.15 34.20
CA SER A 124 -75.71 22.75 32.97
C SER A 124 -74.33 23.39 32.78
N GLN A 125 -74.07 24.53 33.40
CA GLN A 125 -72.76 25.18 33.34
C GLN A 125 -71.76 24.67 34.37
N PHE A 126 -72.14 23.67 35.17
CA PHE A 126 -71.36 23.28 36.35
C PHE A 126 -69.86 23.17 36.08
N PHE A 127 -69.46 22.44 35.03
CA PHE A 127 -68.03 22.26 34.78
C PHE A 127 -67.31 23.53 34.34
N GLU A 128 -68.00 24.53 33.80
CA GLU A 128 -67.34 25.81 33.55
C GLU A 128 -67.23 26.65 34.82
N GLU A 129 -68.30 26.69 35.62
CA GLU A 129 -68.28 27.44 36.87
C GLU A 129 -67.36 26.82 37.91
N MET A 130 -66.99 25.55 37.76
CA MET A 130 -66.03 24.92 38.68
C MET A 130 -64.57 25.27 38.43
N LYS A 131 -64.20 25.65 37.21
CA LYS A 131 -62.77 25.85 36.92
C LYS A 131 -62.10 26.84 37.86
N PRO A 132 -62.67 28.00 38.17
CA PRO A 132 -62.03 28.87 39.18
C PRO A 132 -61.84 28.22 40.54
N MET A 133 -62.77 27.38 40.96
CA MET A 133 -62.68 26.72 42.25
C MET A 133 -61.67 25.59 42.25
N ILE A 134 -61.49 24.93 41.11
CA ILE A 134 -60.43 23.93 40.97
C ILE A 134 -59.06 24.58 41.07
N ALA A 135 -58.87 25.70 40.38
CA ALA A 135 -57.61 26.44 40.49
C ALA A 135 -57.32 26.86 41.92
N GLU A 136 -58.31 27.45 42.61
CA GLU A 136 -58.12 27.78 44.01
C GLU A 136 -57.71 26.57 44.84
N ALA A 137 -58.32 25.41 44.61
CA ALA A 137 -57.95 24.21 45.35
C ALA A 137 -56.50 23.84 45.14
N PHE A 138 -55.99 23.98 43.90
CA PHE A 138 -54.58 23.69 43.63
C PHE A 138 -53.65 24.72 44.25
N TYR A 139 -53.98 26.00 44.17
CA TYR A 139 -53.16 27.04 44.80
C TYR A 139 -53.05 26.84 46.31
N LYS A 140 -54.18 26.59 46.98
CA LYS A 140 -54.11 26.30 48.41
C LYS A 140 -53.28 25.05 48.71
N LYS A 141 -53.43 24.01 47.89
CA LYS A 141 -52.64 22.79 48.09
C LYS A 141 -51.16 23.05 47.89
N PHE A 142 -50.80 23.89 46.92
CA PHE A 142 -49.41 24.25 46.68
C PHE A 142 -48.81 25.09 47.80
N ASP A 143 -49.49 26.18 48.19
CA ASP A 143 -49.01 27.03 49.29
C ASP A 143 -48.77 26.23 50.57
N GLU A 144 -49.75 25.43 50.98
CA GLU A 144 -49.64 24.71 52.23
C GLU A 144 -48.55 23.64 52.18
N ALA A 145 -48.24 23.13 51.00
CA ALA A 145 -47.14 22.17 50.86
C ALA A 145 -45.78 22.84 50.92
N GLY A 146 -45.64 24.01 50.31
CA GLY A 146 -44.35 24.67 50.24
C GLY A 146 -44.00 25.55 51.41
N ILE A 147 -44.99 26.22 52.00
CA ILE A 147 -44.75 27.02 53.19
C ILE A 147 -44.78 26.15 54.44
N LEU A 148 -45.93 25.57 54.75
CA LEU A 148 -46.17 24.98 56.05
C LEU A 148 -45.70 23.53 56.17
N ASN A 149 -45.19 22.94 55.09
CA ASN A 149 -44.83 21.52 55.05
C ASN A 149 -46.01 20.59 55.37
N GLN A 150 -47.19 20.92 54.85
CA GLN A 150 -48.41 20.22 55.23
C GLN A 150 -49.16 19.70 54.01
N GLY A 151 -49.99 18.69 54.28
CA GLY A 151 -50.77 18.03 53.25
C GLY A 151 -49.98 17.01 52.45
N ASN A 152 -49.11 16.26 53.11
CA ASN A 152 -48.25 15.26 52.47
C ASN A 152 -47.53 15.85 51.26
N ASN A 153 -46.75 16.91 51.53
CA ASN A 153 -46.03 17.59 50.46
C ASN A 153 -44.98 16.66 49.85
N PRO A 154 -44.72 16.79 48.56
CA PRO A 154 -43.78 15.89 47.88
C PRO A 154 -42.35 16.38 47.82
N PHE A 155 -42.15 17.68 48.00
CA PHE A 155 -40.89 18.29 47.62
C PHE A 155 -39.75 17.96 48.58
N GLY A 156 -40.06 17.73 49.86
CA GLY A 156 -39.04 17.74 50.90
C GLY A 156 -38.54 19.14 51.20
N LYS A 157 -38.29 19.92 50.15
CA LYS A 157 -38.02 21.34 50.29
C LYS A 157 -39.25 22.08 50.80
N SER A 158 -39.10 22.86 51.87
CA SER A 158 -40.16 23.76 52.29
C SER A 158 -39.58 24.80 53.24
N ILE A 159 -40.35 25.87 53.47
CA ILE A 159 -39.97 26.87 54.46
C ILE A 159 -39.88 26.24 55.84
N ALA A 160 -40.98 25.67 56.32
CA ALA A 160 -41.00 25.14 57.68
C ALA A 160 -39.96 24.05 57.89
N GLN A 161 -39.71 23.22 56.88
CA GLN A 161 -38.66 22.20 57.00
C GLN A 161 -37.26 22.82 56.99
N SER A 162 -37.08 23.99 56.35
CA SER A 162 -35.80 24.70 56.45
C SER A 162 -35.57 25.25 57.85
N ILE A 163 -36.61 25.82 58.45
CA ILE A 163 -36.49 26.42 59.77
C ILE A 163 -36.24 25.35 60.84
N GLU A 164 -36.79 24.15 60.67
CA GLU A 164 -36.42 23.04 61.53
C GLU A 164 -34.94 22.69 61.39
N LYS A 165 -34.45 22.59 60.15
CA LYS A 165 -33.06 22.22 59.92
C LYS A 165 -32.09 23.26 60.49
N THR A 166 -32.32 24.54 60.20
CA THR A 166 -31.49 25.60 60.78
C THR A 166 -31.79 25.84 62.26
N ASN A 167 -32.89 25.31 62.78
CA ASN A 167 -33.37 25.57 64.14
C ASN A 167 -33.47 27.07 64.44
N LYS A 168 -33.74 27.87 63.41
CA LYS A 168 -33.67 29.33 63.46
C LYS A 168 -34.95 29.91 64.05
N VAL A 169 -35.33 29.45 65.25
CA VAL A 169 -36.62 29.70 65.87
C VAL A 169 -36.48 30.55 67.13
N ILE A 170 -37.24 31.67 67.18
CA ILE A 170 -37.49 32.41 68.42
C ILE A 170 -38.62 31.73 69.18
N LYS A 171 -38.46 31.58 70.49
CA LYS A 171 -39.53 31.08 71.37
C LYS A 171 -40.17 32.22 72.16
N GLY A 172 -41.50 32.25 72.18
CA GLY A 172 -42.27 33.12 73.06
C GLY A 172 -43.32 33.93 72.32
N ASP A 173 -43.99 34.79 73.11
CA ASP A 173 -45.14 35.58 72.68
C ASP A 173 -44.73 36.79 71.84
N PHE A 174 -45.75 37.44 71.24
CA PHE A 174 -45.55 38.57 70.35
C PHE A 174 -45.18 39.86 71.08
N THR A 175 -44.08 39.85 71.85
CA THR A 175 -43.51 41.09 72.35
C THR A 175 -42.83 41.86 71.22
N GLN A 176 -42.71 43.18 71.40
CA GLN A 176 -41.99 43.99 70.42
C GLN A 176 -40.52 43.58 70.35
N ASP A 177 -39.94 43.19 71.49
CA ASP A 177 -38.59 42.63 71.49
C ASP A 177 -38.49 41.36 70.66
N ASN A 178 -39.49 40.47 70.75
CA ASN A 178 -39.46 39.25 69.94
C ASN A 178 -39.73 39.54 68.46
N ILE A 179 -40.62 40.47 68.15
CA ILE A 179 -40.83 40.85 66.76
C ILE A 179 -39.56 41.43 66.15
N ILE A 180 -38.82 42.21 66.93
CA ILE A 180 -37.52 42.70 66.48
C ILE A 180 -36.49 41.57 66.43
N ASP A 181 -36.39 40.77 67.48
CA ASP A 181 -35.42 39.66 67.48
C ASP A 181 -35.69 38.69 66.33
N LEU A 182 -36.95 38.47 65.99
CA LEU A 182 -37.27 37.62 64.85
C LEU A 182 -36.63 38.11 63.57
N GLU A 183 -36.86 39.37 63.22
CA GLU A 183 -36.23 39.94 62.03
C GLU A 183 -34.72 40.05 62.20
N ALA A 184 -34.25 40.42 63.38
CA ALA A 184 -32.81 40.55 63.63
C ALA A 184 -32.08 39.22 63.47
N LEU A 185 -32.76 38.09 63.67
CA LEU A 185 -32.14 36.80 63.45
C LEU A 185 -31.86 36.51 61.99
N LEU A 186 -32.44 37.27 61.06
CA LEU A 186 -32.05 37.24 59.66
C LEU A 186 -30.99 38.29 59.34
N GLU A 187 -31.10 39.47 59.95
CA GLU A 187 -30.03 40.45 59.84
C GLU A 187 -28.71 39.89 60.35
N ASP A 188 -28.77 39.00 61.35
CA ASP A 188 -27.61 38.27 61.83
C ASP A 188 -26.94 37.40 60.76
N ASP A 189 -27.49 37.36 59.54
CA ASP A 189 -26.75 36.80 58.42
C ASP A 189 -26.87 37.68 57.17
N GLU A 190 -26.96 39.01 57.35
CA GLU A 190 -26.90 39.97 56.25
C GLU A 190 -28.04 39.82 55.25
N LEU A 191 -29.17 39.26 55.67
CA LEU A 191 -30.38 39.16 54.84
C LEU A 191 -31.46 40.06 55.41
N GLU A 192 -31.98 40.98 54.58
CA GLU A 192 -33.21 41.68 54.91
C GLU A 192 -34.41 40.76 54.79
N ALA A 193 -35.29 40.77 55.79
CA ALA A 193 -36.63 40.25 55.60
C ALA A 193 -37.38 41.06 54.55
N ASN A 194 -38.30 40.40 53.84
CA ASN A 194 -39.05 41.04 52.77
C ASN A 194 -40.57 40.98 52.95
N ALA A 195 -41.07 40.08 53.80
CA ALA A 195 -42.49 40.03 54.11
C ALA A 195 -42.68 39.22 55.38
N PHE A 196 -43.89 39.30 55.94
CA PHE A 196 -44.32 38.42 57.03
C PHE A 196 -45.45 37.53 56.55
N ILE A 197 -45.44 36.27 57.00
CA ILE A 197 -46.54 35.33 56.79
C ILE A 197 -47.25 35.15 58.13
N SER A 198 -48.56 35.40 58.15
CA SER A 198 -49.33 35.43 59.39
C SER A 198 -50.64 34.69 59.26
N LYS A 199 -51.06 34.06 60.36
CA LYS A 199 -52.42 33.58 60.50
C LYS A 199 -53.33 34.78 60.71
N THR A 200 -54.31 34.98 59.82
CA THR A 200 -55.15 36.17 59.87
C THR A 200 -55.85 36.34 61.22
N GLN A 201 -56.02 35.26 61.98
CA GLN A 201 -56.60 35.34 63.31
C GLN A 201 -55.73 36.00 64.38
N ASN A 202 -54.42 36.14 64.17
CA ASN A 202 -53.52 36.60 65.23
C ASN A 202 -53.22 38.09 65.23
N ARG A 203 -53.90 38.89 64.40
CA ARG A 203 -53.92 40.34 64.61
C ARG A 203 -54.32 40.70 66.05
N SER A 204 -55.11 39.84 66.69
CA SER A 204 -55.45 40.00 68.10
C SER A 204 -54.23 40.24 68.98
N LEU A 205 -53.10 39.62 68.66
CA LEU A 205 -51.87 39.86 69.40
C LEU A 205 -51.03 41.00 68.83
N LEU A 206 -50.86 41.04 67.51
CA LEU A 206 -50.03 42.07 66.90
C LEU A 206 -50.57 43.48 67.09
N ARG A 207 -51.89 43.63 67.23
CA ARG A 207 -52.43 44.96 67.51
C ARG A 207 -51.91 45.54 68.82
N LYS A 208 -52.04 44.78 69.90
CA LYS A 208 -51.80 45.27 71.26
C LYS A 208 -50.41 44.87 71.77
N ILE A 209 -49.41 45.51 71.17
CA ILE A 209 -48.05 45.50 71.69
C ILE A 209 -47.41 46.86 71.42
N VAL A 210 -46.50 47.26 72.31
CA VAL A 210 -45.81 48.56 72.21
C VAL A 210 -44.44 48.49 72.85
N ARG A 217 -46.79 52.32 67.57
CA ARG A 217 -46.69 50.84 67.70
C ARG A 217 -45.96 50.23 66.51
N ILE A 218 -45.48 48.99 66.69
CA ILE A 218 -44.72 48.32 65.63
C ILE A 218 -45.62 47.79 64.50
N TYR A 219 -46.88 47.47 64.79
CA TYR A 219 -47.84 47.02 63.78
C TYR A 219 -48.71 48.19 63.30
N ASP A 220 -49.18 48.10 62.04
CA ASP A 220 -50.37 48.86 61.63
C ASP A 220 -51.31 48.04 60.75
N ARG A 221 -52.61 48.16 61.02
CA ARG A 221 -53.66 47.59 60.17
C ARG A 221 -54.03 48.49 59.00
N ASN A 222 -53.64 49.76 59.04
CA ASN A 222 -53.89 50.68 57.93
C ASN A 222 -53.35 50.12 56.62
N SER A 223 -52.29 49.33 56.68
CA SER A 223 -51.76 48.61 55.53
C SER A 223 -51.76 47.10 55.71
N ASP A 224 -51.85 46.60 56.96
CA ASP A 224 -51.35 45.28 57.34
C ASP A 224 -49.87 45.16 57.00
N SER A 225 -49.07 45.84 57.83
CA SER A 225 -47.63 45.77 57.77
C SER A 225 -47.12 45.63 59.19
N LEU A 226 -45.94 45.07 59.31
CA LEU A 226 -45.27 44.92 60.60
C LEU A 226 -43.84 45.43 60.46
N ASP A 227 -43.54 46.50 61.19
CA ASP A 227 -42.32 47.25 61.03
C ASP A 227 -42.00 47.57 59.56
N GLY A 228 -43.01 48.06 58.84
CA GLY A 228 -42.87 48.53 57.47
C GLY A 228 -42.87 47.47 56.40
N LEU A 229 -42.60 46.21 56.73
CA LEU A 229 -42.72 45.10 55.79
C LEU A 229 -44.17 44.63 55.68
N PRO A 230 -44.62 44.25 54.48
CA PRO A 230 -46.01 43.81 54.32
C PRO A 230 -46.27 42.47 54.99
N VAL A 231 -47.49 42.32 55.52
CA VAL A 231 -47.98 41.04 56.03
C VAL A 231 -48.81 40.36 54.97
N VAL A 232 -48.49 39.09 54.69
CA VAL A 232 -49.31 38.22 53.86
C VAL A 232 -50.01 37.22 54.75
N ASN A 233 -51.34 37.15 54.65
CA ASN A 233 -52.14 36.21 55.42
C ASN A 233 -52.25 34.86 54.70
N LEU A 234 -51.91 33.79 55.42
CA LEU A 234 -52.38 32.46 55.07
C LEU A 234 -53.75 32.21 55.67
N LYS A 235 -54.47 31.27 55.06
CA LYS A 235 -55.90 31.11 55.30
C LYS A 235 -56.24 29.62 55.43
N SER A 236 -55.46 28.91 56.25
CA SER A 236 -55.65 27.48 56.48
C SER A 236 -55.46 27.18 57.96
N SER A 237 -55.93 26.00 58.38
CA SER A 237 -55.98 25.61 59.79
C SER A 237 -54.64 25.17 60.37
N ASN A 238 -53.61 25.01 59.55
CA ASN A 238 -52.35 24.46 60.03
C ASN A 238 -51.43 25.51 60.67
N LEU A 239 -51.51 26.76 60.24
CA LEU A 239 -50.77 27.85 60.89
C LEU A 239 -51.56 28.37 62.09
N LYS A 240 -51.02 28.18 63.29
CA LYS A 240 -51.72 28.45 64.54
C LYS A 240 -51.79 29.95 64.86
N ARG A 241 -52.50 30.27 65.94
CA ARG A 241 -52.59 31.66 66.42
C ARG A 241 -51.22 32.23 66.76
N GLY A 242 -50.46 31.56 67.62
CA GLY A 242 -49.26 32.10 68.24
C GLY A 242 -48.00 32.18 67.39
N GLU A 243 -48.06 31.90 66.09
CA GLU A 243 -46.87 31.71 65.26
C GLU A 243 -46.76 32.78 64.17
N LEU A 244 -45.52 33.21 63.88
CA LEU A 244 -45.24 34.19 62.85
C LEU A 244 -44.00 33.78 62.05
N ILE A 245 -44.06 33.92 60.72
CA ILE A 245 -42.98 33.53 59.82
C ILE A 245 -42.50 34.74 59.03
N THR A 246 -41.18 34.82 58.77
CA THR A 246 -40.63 35.87 57.91
C THR A 246 -39.34 35.40 57.22
N GLY A 247 -38.99 36.09 56.13
CA GLY A 247 -37.76 35.76 55.41
C GLY A 247 -37.55 36.67 54.22
N ASP A 248 -36.43 36.44 53.52
CA ASP A 248 -36.18 37.00 52.18
C ASP A 248 -36.82 36.14 51.11
N PHE A 249 -38.08 36.44 50.79
CA PHE A 249 -38.85 35.64 49.84
C PHE A 249 -38.35 35.69 48.39
N ASP A 250 -37.39 36.53 48.04
CA ASP A 250 -36.72 36.35 46.74
C ASP A 250 -35.87 35.09 46.70
N LYS A 251 -35.54 34.51 47.85
CA LYS A 251 -34.84 33.23 47.90
C LYS A 251 -35.78 32.04 47.72
N LEU A 252 -37.07 32.25 47.57
CA LEU A 252 -38.04 31.20 47.28
C LEU A 252 -38.44 31.27 45.82
N ILE A 253 -38.29 30.14 45.11
CA ILE A 253 -38.41 30.09 43.65
C ILE A 253 -39.39 29.00 43.27
N TYR A 254 -40.23 29.27 42.27
CA TYR A 254 -41.25 28.33 41.82
C TYR A 254 -41.31 28.31 40.30
N GLY A 255 -41.90 27.23 39.77
CA GLY A 255 -42.18 27.15 38.35
C GLY A 255 -43.36 26.25 38.07
N ILE A 256 -43.91 26.40 36.86
CA ILE A 256 -45.13 25.70 36.46
C ILE A 256 -44.94 25.15 35.05
N PRO A 257 -44.47 23.90 34.89
CA PRO A 257 -44.39 23.32 33.55
C PRO A 257 -45.73 23.19 32.84
N GLN A 258 -46.82 22.93 33.57
CA GLN A 258 -48.13 22.73 32.98
C GLN A 258 -49.15 23.59 33.69
N LEU A 259 -49.58 24.66 33.02
CA LEU A 259 -50.80 25.36 33.41
C LEU A 259 -51.98 24.40 33.38
N ILE A 260 -53.00 24.67 34.20
CA ILE A 260 -54.06 23.69 34.46
C ILE A 260 -54.68 23.22 33.15
N GLU A 261 -54.69 21.91 32.92
CA GLU A 261 -55.35 21.29 31.78
C GLU A 261 -56.61 20.55 32.23
N TYR A 262 -57.71 20.79 31.52
CA TYR A 262 -59.00 20.15 31.79
C TYR A 262 -59.31 19.11 30.71
N LYS A 263 -59.71 17.91 31.14
CA LYS A 263 -60.20 16.87 30.23
C LYS A 263 -61.52 16.35 30.76
N ILE A 264 -62.57 16.40 29.94
CA ILE A 264 -63.89 15.88 30.29
C ILE A 264 -64.11 14.55 29.60
N ASP A 265 -64.59 13.55 30.36
CA ASP A 265 -64.72 12.18 29.86
C ASP A 265 -66.06 11.56 30.23
N GLU A 266 -66.62 10.83 29.27
CA GLU A 266 -67.98 10.32 29.34
C GLU A 266 -68.06 8.80 29.35
N THR A 267 -66.93 8.11 29.51
CA THR A 267 -66.91 6.66 29.30
C THR A 267 -65.93 5.94 30.22
N ALA A 268 -64.89 6.61 30.70
CA ALA A 268 -63.92 5.99 31.61
C ALA A 268 -64.57 5.38 32.85
N GLN A 269 -63.85 4.43 33.46
CA GLN A 269 -64.17 3.96 34.81
C GLN A 269 -63.49 4.84 35.84
N LEU A 270 -64.16 5.06 36.97
CA LEU A 270 -63.57 5.60 38.19
C LEU A 270 -63.47 4.51 39.24
N SER A 271 -62.27 4.25 39.72
CA SER A 271 -62.05 3.18 40.69
C SER A 271 -62.16 3.66 42.14
N THR A 272 -61.88 4.93 42.37
CA THR A 272 -61.86 5.50 43.71
C THR A 272 -63.25 5.76 44.28
N VAL A 273 -64.26 5.90 43.44
CA VAL A 273 -65.67 6.01 43.87
C VAL A 273 -66.34 4.67 43.60
N LYS A 274 -67.10 4.17 44.57
CA LYS A 274 -67.73 2.86 44.45
C LYS A 274 -69.23 2.93 44.65
N ASN A 275 -69.94 2.07 43.92
CA ASN A 275 -71.38 1.88 44.06
C ASN A 275 -71.74 1.31 45.44
N GLU A 276 -73.05 1.25 45.69
CA GLU A 276 -73.56 0.72 46.95
C GLU A 276 -73.12 -0.72 47.20
N ASP A 277 -72.93 -1.50 46.15
CA ASP A 277 -72.49 -2.89 46.28
C ASP A 277 -70.97 -3.04 46.26
N GLY A 278 -70.22 -1.95 46.18
CA GLY A 278 -68.77 -1.98 46.16
C GLY A 278 -68.13 -2.01 44.78
N THR A 279 -68.92 -2.09 43.72
CA THR A 279 -68.37 -2.05 42.37
C THR A 279 -67.83 -0.66 42.02
N PRO A 280 -66.75 -0.58 41.24
CA PRO A 280 -66.35 0.70 40.63
C PRO A 280 -67.47 1.36 39.82
N VAL A 281 -67.34 2.67 39.62
CA VAL A 281 -68.29 3.45 38.83
C VAL A 281 -67.87 3.51 37.37
N ASN A 282 -68.61 2.81 36.50
CA ASN A 282 -68.45 2.89 35.06
C ASN A 282 -69.28 4.04 34.50
N LEU A 283 -68.62 5.07 33.97
CA LEU A 283 -69.37 6.24 33.51
C LEU A 283 -70.27 5.96 32.32
N PHE A 284 -69.99 4.91 31.54
CA PHE A 284 -70.82 4.59 30.37
C PHE A 284 -72.07 3.82 30.74
N GLU A 285 -71.92 2.73 31.49
CA GLU A 285 -73.09 1.97 31.94
C GLU A 285 -74.02 2.82 32.79
N GLN A 286 -73.47 3.70 33.61
CA GLN A 286 -74.26 4.42 34.59
C GLN A 286 -74.72 5.78 34.10
N ASP A 287 -74.34 6.16 32.87
CA ASP A 287 -74.80 7.40 32.23
C ASP A 287 -74.32 8.67 32.96
N MET A 288 -73.00 8.82 33.05
CA MET A 288 -72.37 9.82 33.91
C MET A 288 -71.28 10.56 33.13
N VAL A 289 -70.74 11.61 33.76
CA VAL A 289 -69.67 12.43 33.19
C VAL A 289 -68.70 12.79 34.32
N ALA A 290 -67.42 12.95 33.96
CA ALA A 290 -66.43 13.43 34.93
C ALA A 290 -65.44 14.40 34.29
N LEU A 291 -65.08 15.43 35.05
CA LEU A 291 -64.03 16.38 34.69
C LEU A 291 -62.74 16.03 35.43
N ARG A 292 -61.67 15.77 34.70
CA ARG A 292 -60.33 15.66 35.28
C ARG A 292 -59.57 16.95 35.03
N ALA A 293 -58.97 17.50 36.08
CA ALA A 293 -58.04 18.62 35.98
C ALA A 293 -56.67 18.21 36.50
N THR A 294 -55.60 18.62 35.83
CA THR A 294 -54.25 18.39 36.33
C THR A 294 -53.36 19.60 36.10
N MET A 295 -52.31 19.69 36.92
CA MET A 295 -51.34 20.78 36.87
C MET A 295 -50.00 20.25 37.38
N HIS A 296 -48.89 20.72 36.79
CA HIS A 296 -47.56 20.44 37.30
C HIS A 296 -46.95 21.70 37.91
N VAL A 297 -46.35 21.56 39.08
CA VAL A 297 -45.82 22.70 39.83
C VAL A 297 -44.54 22.30 40.55
N ALA A 298 -43.62 23.26 40.69
CA ALA A 298 -42.28 23.00 41.20
C ALA A 298 -41.86 24.07 42.20
N LEU A 299 -41.04 23.67 43.19
CA LEU A 299 -40.59 24.55 44.26
C LEU A 299 -39.10 24.41 44.54
N HIS A 300 -38.42 25.54 44.77
CA HIS A 300 -37.02 25.54 45.24
C HIS A 300 -36.79 26.62 46.29
N ILE A 301 -35.95 26.31 47.28
CA ILE A 301 -35.51 27.27 48.30
C ILE A 301 -34.02 27.54 48.10
N ALA A 302 -33.70 28.72 47.54
CA ALA A 302 -32.33 29.01 47.12
C ALA A 302 -31.36 29.13 48.29
N ASP A 303 -31.84 29.48 49.48
CA ASP A 303 -30.99 29.56 50.67
C ASP A 303 -31.85 29.27 51.89
N ASP A 304 -31.59 28.14 52.55
CA ASP A 304 -32.42 27.73 53.69
C ASP A 304 -32.28 28.63 54.91
N LYS A 305 -31.23 29.45 54.99
CA LYS A 305 -31.06 30.39 56.10
C LYS A 305 -31.95 31.62 55.99
N ALA A 306 -32.58 31.85 54.84
CA ALA A 306 -33.28 33.10 54.58
C ALA A 306 -34.63 33.22 55.29
N PHE A 307 -35.06 32.21 56.05
CA PHE A 307 -36.36 32.22 56.72
C PHE A 307 -36.22 31.91 58.20
N ALA A 308 -37.00 32.61 59.02
CA ALA A 308 -36.99 32.45 60.47
C ALA A 308 -38.41 32.59 61.01
N LYS A 309 -38.63 32.03 62.21
CA LYS A 309 -39.97 31.87 62.75
C LYS A 309 -40.02 32.18 64.24
N LEU A 310 -41.17 32.71 64.67
CA LEU A 310 -41.51 32.94 66.07
C LEU A 310 -42.59 31.96 66.53
N VAL A 311 -42.32 31.22 67.59
CA VAL A 311 -43.17 30.09 68.02
C VAL A 311 -43.47 30.18 69.51
N PRO A 312 -44.72 29.95 69.95
CA PRO A 312 -45.03 30.07 71.37
C PRO A 312 -44.45 28.94 72.20
N ALA A 313 -44.08 29.26 73.44
CA ALA A 313 -43.38 28.33 74.32
C ALA A 313 -44.34 27.46 75.12
N SER B 16 27.39 43.26 29.21
CA SER B 16 28.17 42.07 28.77
C SER B 16 28.70 42.21 27.36
N ASN B 17 27.83 42.59 26.41
CA ASN B 17 28.20 42.65 25.00
C ASN B 17 28.78 41.33 24.49
N ASN B 18 28.23 40.22 24.97
CA ASN B 18 28.60 38.88 24.52
C ASN B 18 27.97 38.57 23.16
N VAL B 19 28.78 38.50 22.10
CA VAL B 19 28.26 38.42 20.74
C VAL B 19 28.20 37.00 20.16
N LYS B 20 28.74 36.00 20.84
CA LYS B 20 28.59 34.62 20.38
C LYS B 20 27.13 34.18 20.43
N PRO B 21 26.74 33.21 19.60
CA PRO B 21 25.35 32.77 19.57
C PRO B 21 24.94 31.99 20.83
N GLN B 22 23.63 32.01 21.09
CA GLN B 22 23.04 31.34 22.24
C GLN B 22 22.94 29.83 22.02
N VAL B 23 23.45 29.05 22.97
CA VAL B 23 23.13 27.63 23.07
C VAL B 23 21.79 27.44 23.77
N PHE B 24 20.97 26.52 23.25
CA PHE B 24 19.67 26.18 23.82
C PHE B 24 19.62 24.70 24.19
N ASN B 25 18.78 24.37 25.18
CA ASN B 25 18.61 22.99 25.63
C ASN B 25 17.13 22.69 25.87
N PRO B 26 16.50 21.78 25.09
CA PRO B 26 17.04 21.03 23.96
C PRO B 26 17.35 21.92 22.78
N ASP B 27 18.12 21.42 21.82
CA ASP B 27 18.48 22.16 20.63
C ASP B 27 17.33 22.28 19.64
N ASN B 28 16.17 22.75 20.09
CA ASN B 28 14.99 22.82 19.25
C ASN B 28 14.85 24.14 18.49
N VAL B 29 15.68 25.14 18.79
CA VAL B 29 15.61 26.45 18.13
C VAL B 29 16.36 26.42 16.81
N MET B 30 15.69 26.85 15.73
CA MET B 30 16.38 27.08 14.46
C MET B 30 17.22 28.35 14.50
N MET B 31 18.45 28.28 13.99
CA MET B 31 19.42 29.37 14.14
C MET B 31 20.19 29.62 12.85
N HIS B 32 20.54 30.89 12.66
CA HIS B 32 21.32 31.36 11.51
C HIS B 32 22.82 31.23 11.71
N GLU B 33 23.29 31.07 12.95
CA GLU B 33 24.71 31.01 13.26
C GLU B 33 25.01 29.81 14.14
N LYS B 34 26.06 29.06 13.80
CA LYS B 34 26.47 27.90 14.57
C LYS B 34 27.58 28.27 15.55
N LYS B 35 27.70 27.50 16.63
CA LYS B 35 28.66 27.84 17.67
C LYS B 35 30.12 27.70 17.23
N ASP B 36 30.39 27.06 16.10
CA ASP B 36 31.73 27.09 15.52
C ASP B 36 32.00 28.37 14.72
N GLY B 37 31.04 29.27 14.65
CA GLY B 37 31.17 30.52 13.92
C GLY B 37 30.68 30.49 12.49
N THR B 38 30.25 29.34 11.97
CA THR B 38 29.67 29.30 10.62
C THR B 38 28.39 30.10 10.57
N LEU B 39 28.29 30.97 9.57
CA LEU B 39 27.14 31.85 9.39
C LEU B 39 26.47 31.46 8.08
N MET B 40 25.18 31.15 8.14
CA MET B 40 24.53 30.24 7.19
C MET B 40 23.68 30.95 6.13
N ASN B 41 24.28 31.88 5.39
CA ASN B 41 23.67 32.51 4.22
C ASN B 41 23.62 31.56 3.02
N GLU B 42 22.92 32.02 1.97
CA GLU B 42 22.85 31.33 0.68
C GLU B 42 22.36 29.89 0.82
N PHE B 43 21.44 29.68 1.76
CA PHE B 43 20.92 28.36 2.10
C PHE B 43 20.04 27.80 0.97
N THR B 44 20.30 26.54 0.61
CA THR B 44 19.55 25.82 -0.44
C THR B 44 18.36 25.10 0.17
N THR B 45 17.16 25.61 -0.07
CA THR B 45 15.93 25.15 0.56
C THR B 45 15.71 23.64 0.41
N PRO B 46 15.59 22.89 1.51
CA PRO B 46 15.42 21.43 1.43
C PRO B 46 14.21 21.01 0.60
N ILE B 47 14.30 19.79 0.07
CA ILE B 47 13.25 19.17 -0.72
C ILE B 47 12.83 17.86 -0.05
N LEU B 48 11.60 17.42 -0.34
CA LEU B 48 10.97 16.30 0.35
C LEU B 48 10.92 15.05 -0.52
N GLN B 49 11.57 13.98 -0.06
CA GLN B 49 11.59 12.67 -0.72
C GLN B 49 10.28 11.89 -0.54
N GLU B 50 9.20 12.54 -0.11
CA GLU B 50 8.00 11.86 0.38
C GLU B 50 6.77 12.68 0.03
N VAL B 51 5.60 12.04 0.16
CA VAL B 51 4.31 12.74 0.12
C VAL B 51 3.66 12.66 1.50
N MET B 52 2.94 13.74 1.85
CA MET B 52 2.31 13.86 3.15
C MET B 52 1.18 12.84 3.32
N GLU B 53 1.20 12.11 4.45
CA GLU B 53 0.19 11.10 4.74
C GLU B 53 -1.12 11.70 5.27
N ASN B 54 -2.24 11.09 4.86
CA ASN B 54 -3.55 11.34 5.44
C ASN B 54 -3.68 10.64 6.80
N SER B 55 -4.71 11.03 7.56
CA SER B 55 -5.19 10.20 8.66
C SER B 55 -5.96 9.00 8.10
N LYS B 56 -5.55 7.80 8.49
CA LYS B 56 -6.31 6.62 8.10
C LYS B 56 -7.63 6.49 8.84
N ILE B 57 -7.74 7.05 10.05
CA ILE B 57 -9.05 7.15 10.70
C ILE B 57 -9.99 8.08 9.96
N MET B 58 -9.50 9.24 9.51
CA MET B 58 -10.35 10.09 8.69
C MET B 58 -10.67 9.47 7.33
N GLN B 59 -9.90 8.46 6.92
CA GLN B 59 -10.22 7.73 5.70
C GLN B 59 -11.30 6.68 5.94
N LEU B 60 -11.07 5.77 6.88
CA LEU B 60 -11.98 4.64 7.11
C LEU B 60 -13.21 5.00 7.95
N GLY B 61 -13.03 5.74 9.04
CA GLY B 61 -14.11 5.96 9.99
C GLY B 61 -15.20 6.89 9.47
N LYS B 62 -16.22 7.08 10.30
CA LYS B 62 -17.33 7.97 10.01
C LYS B 62 -17.18 9.28 10.77
N TYR B 63 -17.23 10.39 10.05
CA TYR B 63 -17.25 11.71 10.67
C TYR B 63 -18.56 11.94 11.42
N GLU B 64 -18.47 12.69 12.53
CA GLU B 64 -19.63 13.04 13.32
C GLU B 64 -19.54 14.47 13.83
N PRO B 65 -20.37 15.39 13.32
CA PRO B 65 -20.35 16.78 13.81
C PRO B 65 -20.53 16.88 15.32
N MET B 66 -19.73 17.76 15.92
CA MET B 66 -19.54 17.78 17.37
C MET B 66 -19.18 19.22 17.75
N GLU B 67 -20.10 19.91 18.43
CA GLU B 67 -19.89 21.31 18.76
C GLU B 67 -19.11 21.49 20.06
N GLY B 68 -19.45 20.74 21.11
CA GLY B 68 -18.70 20.77 22.34
C GLY B 68 -17.60 19.74 22.34
N THR B 69 -16.93 19.61 23.48
CA THR B 69 -15.93 18.57 23.66
C THR B 69 -16.54 17.22 23.99
N GLU B 70 -17.86 17.06 23.90
CA GLU B 70 -18.49 15.80 24.26
C GLU B 70 -19.77 15.62 23.43
N LYS B 71 -20.18 14.37 23.27
CA LYS B 71 -21.27 14.01 22.38
C LYS B 71 -22.02 12.82 22.95
N LYS B 72 -23.34 12.78 22.70
CA LYS B 72 -24.22 11.72 23.21
C LYS B 72 -24.91 11.00 22.06
N PHE B 73 -25.05 9.68 22.21
CA PHE B 73 -25.74 8.84 21.24
C PHE B 73 -26.83 8.05 21.94
N THR B 74 -27.95 7.83 21.25
CA THR B 74 -28.99 6.94 21.76
C THR B 74 -29.50 6.02 20.65
N PHE B 75 -29.71 4.74 21.00
CA PHE B 75 -30.04 3.70 20.03
C PHE B 75 -31.18 2.84 20.55
N TRP B 76 -32.00 2.34 19.63
CA TRP B 76 -33.00 1.33 19.99
C TRP B 76 -32.33 0.04 20.46
N ALA B 77 -33.01 -0.66 21.37
CA ALA B 77 -32.50 -1.90 21.93
C ALA B 77 -33.53 -3.03 21.97
N ASP B 78 -34.77 -2.75 22.38
CA ASP B 78 -35.87 -3.70 22.33
C ASP B 78 -36.98 -3.19 21.42
N LYS B 79 -37.63 -4.14 20.75
CA LYS B 79 -38.76 -3.86 19.90
C LYS B 79 -40.00 -4.63 20.37
N PRO B 80 -41.20 -4.08 20.21
CA PRO B 80 -42.38 -4.70 20.80
C PRO B 80 -42.73 -6.04 20.19
N GLY B 81 -43.37 -6.88 21.00
CA GLY B 81 -43.94 -8.13 20.54
C GLY B 81 -45.27 -7.98 19.82
N ALA B 82 -45.92 -9.12 19.61
CA ALA B 82 -47.30 -9.18 19.15
C ALA B 82 -47.89 -10.50 19.64
N TYR B 83 -49.20 -10.65 19.50
CA TYR B 83 -49.90 -11.82 20.00
C TYR B 83 -50.91 -12.32 18.98
N TRP B 84 -51.35 -13.56 19.16
CA TRP B 84 -52.51 -14.15 18.51
C TRP B 84 -53.64 -14.10 19.51
N VAL B 85 -54.77 -13.52 19.12
CA VAL B 85 -55.92 -13.39 20.00
C VAL B 85 -57.18 -13.89 19.30
N GLY B 86 -57.95 -14.70 20.02
CA GLY B 86 -59.25 -15.11 19.54
C GLY B 86 -60.26 -13.99 19.63
N GLU B 87 -61.36 -14.18 18.92
CA GLU B 87 -62.43 -13.21 18.92
C GLU B 87 -62.96 -12.98 20.33
N GLY B 88 -62.87 -11.74 20.80
CA GLY B 88 -63.28 -11.42 22.16
C GLY B 88 -62.33 -11.86 23.25
N GLN B 89 -61.10 -12.21 22.93
CA GLN B 89 -60.05 -12.37 23.92
C GLN B 89 -59.31 -11.06 24.15
N LYS B 90 -58.74 -10.92 25.36
CA LYS B 90 -58.02 -9.70 25.73
C LYS B 90 -56.65 -9.57 25.06
N ILE B 91 -56.43 -8.43 24.41
CA ILE B 91 -55.18 -8.08 23.76
C ILE B 91 -54.14 -7.66 24.80
N GLU B 92 -52.95 -8.28 24.76
CA GLU B 92 -51.89 -7.99 25.73
C GLU B 92 -50.92 -6.91 25.24
N THR B 93 -50.15 -6.36 26.18
CA THR B 93 -49.27 -5.22 25.99
C THR B 93 -47.81 -5.61 25.75
N SER B 94 -47.03 -4.66 25.20
CA SER B 94 -45.60 -4.88 24.98
C SER B 94 -44.85 -3.54 24.92
N LYS B 95 -43.52 -3.64 24.98
CA LYS B 95 -42.62 -2.58 25.46
C LYS B 95 -41.41 -2.39 24.54
N ALA B 96 -41.07 -1.13 24.26
CA ALA B 96 -39.81 -0.75 23.61
C ALA B 96 -38.75 -0.23 24.59
N THR B 97 -37.48 -0.30 24.17
CA THR B 97 -36.35 0.11 24.99
C THR B 97 -35.24 0.70 24.13
N TRP B 98 -34.44 1.60 24.73
CA TRP B 98 -33.27 2.22 24.08
C TRP B 98 -32.05 2.18 24.99
N VAL B 99 -30.88 2.49 24.41
CA VAL B 99 -29.61 2.52 25.12
C VAL B 99 -28.78 3.73 24.66
N ASN B 100 -27.86 4.20 25.52
CA ASN B 100 -27.07 5.41 25.28
C ASN B 100 -25.56 5.14 25.24
N ALA B 101 -24.83 5.96 24.48
CA ALA B 101 -23.36 5.95 24.42
C ALA B 101 -22.83 7.37 24.32
N THR B 102 -21.52 7.55 24.58
CA THR B 102 -20.92 8.90 24.61
C THR B 102 -19.45 8.88 24.20
N MET B 103 -18.96 10.01 23.68
CA MET B 103 -17.56 10.22 23.33
C MET B 103 -17.10 11.63 23.69
N ARG B 104 -15.82 11.78 24.04
CA ARG B 104 -15.21 13.08 24.34
C ARG B 104 -13.95 13.33 23.53
N ALA B 105 -13.58 14.61 23.42
CA ALA B 105 -12.39 15.08 22.70
C ALA B 105 -11.16 15.25 23.61
N PHE B 106 -9.97 15.20 22.99
CA PHE B 106 -8.69 15.53 23.60
C PHE B 106 -7.89 16.47 22.70
N LYS B 107 -6.87 17.13 23.27
CA LYS B 107 -6.11 18.16 22.57
C LYS B 107 -4.72 17.69 22.15
N LEU B 108 -4.38 17.93 20.88
CA LEU B 108 -3.03 17.79 20.32
C LEU B 108 -2.35 19.15 20.17
N GLY B 109 -1.04 19.21 20.44
CA GLY B 109 -0.31 20.46 20.20
C GLY B 109 1.18 20.29 20.03
N VAL B 110 1.80 21.31 19.45
CA VAL B 110 3.27 21.42 19.36
C VAL B 110 3.63 22.89 19.21
N ILE B 111 4.85 23.26 19.63
CA ILE B 111 5.45 24.57 19.36
C ILE B 111 6.77 24.43 18.61
N LEU B 112 6.98 25.28 17.59
CA LEU B 112 8.25 25.36 16.85
C LEU B 112 8.92 26.73 17.01
N PRO B 113 9.97 26.86 17.81
CA PRO B 113 10.67 28.15 17.97
C PRO B 113 11.77 28.43 16.95
N VAL B 114 11.92 29.72 16.61
CA VAL B 114 12.83 30.18 15.57
C VAL B 114 13.51 31.47 16.01
N THR B 115 14.83 31.55 15.80
CA THR B 115 15.54 32.81 15.93
C THR B 115 15.25 33.71 14.72
N LYS B 116 14.91 34.97 14.96
CA LYS B 116 14.38 35.77 13.85
C LYS B 116 15.41 36.08 12.76
N GLU B 117 16.72 36.03 13.06
CA GLU B 117 17.71 36.06 11.99
C GLU B 117 17.52 34.91 11.01
N PHE B 118 17.23 33.71 11.54
CA PHE B 118 17.00 32.55 10.69
C PHE B 118 15.88 32.80 9.70
N LEU B 119 14.82 33.41 10.18
CA LEU B 119 13.64 33.70 9.39
C LEU B 119 13.83 34.87 8.44
N ASN B 120 14.98 35.53 8.47
CA ASN B 120 15.32 36.61 7.55
C ASN B 120 16.43 36.24 6.58
N TYR B 121 17.48 35.58 7.05
CA TYR B 121 18.69 35.37 6.28
C TYR B 121 18.95 33.92 5.93
N THR B 122 18.10 32.99 6.38
CA THR B 122 18.25 31.58 6.02
C THR B 122 17.01 31.01 5.34
N TYR B 123 15.83 31.08 5.96
CA TYR B 123 14.67 30.33 5.46
C TYR B 123 13.39 31.14 5.70
N SER B 124 13.19 32.14 4.85
CA SER B 124 12.07 33.07 5.02
C SER B 124 10.72 32.38 5.12
N GLN B 125 10.49 31.33 4.34
CA GLN B 125 9.21 30.63 4.27
C GLN B 125 8.98 29.58 5.36
N PHE B 126 9.90 29.42 6.31
CA PHE B 126 9.94 28.21 7.14
C PHE B 126 8.58 27.78 7.69
N PHE B 127 7.82 28.68 8.30
CA PHE B 127 6.55 28.25 8.91
C PHE B 127 5.53 27.79 7.88
N GLU B 128 5.53 28.34 6.68
CA GLU B 128 4.59 27.86 5.67
C GLU B 128 4.92 26.46 5.20
N GLU B 129 6.20 26.07 5.23
CA GLU B 129 6.59 24.72 4.90
C GLU B 129 6.43 23.76 6.07
N MET B 130 6.44 24.25 7.31
CA MET B 130 6.10 23.41 8.45
C MET B 130 4.61 23.13 8.61
N LYS B 131 3.74 24.05 8.22
CA LYS B 131 2.31 23.83 8.40
C LYS B 131 1.82 22.49 7.84
N PRO B 132 2.13 22.11 6.59
CA PRO B 132 1.82 20.73 6.17
C PRO B 132 2.46 19.66 7.03
N MET B 133 3.73 19.80 7.39
CA MET B 133 4.42 18.78 8.15
C MET B 133 3.91 18.66 9.58
N ILE B 134 3.29 19.70 10.12
CA ILE B 134 2.64 19.59 11.43
C ILE B 134 1.36 18.78 11.32
N ALA B 135 0.56 19.01 10.28
CA ALA B 135 -0.68 18.25 10.12
C ALA B 135 -0.43 16.76 10.08
N GLU B 136 0.53 16.31 9.28
CA GLU B 136 0.90 14.90 9.29
C GLU B 136 1.25 14.39 10.67
N ALA B 137 1.93 15.20 11.48
CA ALA B 137 2.30 14.75 12.81
C ALA B 137 1.08 14.57 13.71
N PHE B 138 0.08 15.44 13.59
CA PHE B 138 -1.16 15.24 14.34
C PHE B 138 -1.93 14.02 13.85
N TYR B 139 -2.13 13.92 12.53
CA TYR B 139 -2.85 12.79 11.96
C TYR B 139 -2.24 11.45 12.37
N LYS B 140 -0.92 11.32 12.26
CA LYS B 140 -0.27 10.10 12.71
C LYS B 140 -0.44 9.85 14.20
N LYS B 141 -0.39 10.90 15.02
CA LYS B 141 -0.59 10.71 16.45
C LYS B 141 -1.99 10.19 16.74
N PHE B 142 -2.98 10.72 16.03
CA PHE B 142 -4.37 10.29 16.17
C PHE B 142 -4.59 8.85 15.71
N ASP B 143 -4.13 8.51 14.50
CA ASP B 143 -4.26 7.14 13.99
C ASP B 143 -3.64 6.10 14.89
N GLU B 144 -2.41 6.32 15.37
CA GLU B 144 -1.75 5.29 16.16
C GLU B 144 -2.35 5.16 17.55
N ALA B 145 -2.98 6.21 18.06
CA ALA B 145 -3.76 6.06 19.28
C ALA B 145 -5.02 5.24 19.02
N GLY B 146 -5.83 5.66 18.05
CA GLY B 146 -7.13 5.06 17.82
C GLY B 146 -7.13 3.68 17.18
N ILE B 147 -6.25 3.43 16.21
CA ILE B 147 -6.13 2.09 15.64
C ILE B 147 -5.36 1.17 16.59
N LEU B 148 -4.14 1.56 16.96
CA LEU B 148 -3.18 0.61 17.52
C LEU B 148 -3.01 0.71 19.04
N ASN B 149 -3.68 1.65 19.71
CA ASN B 149 -3.49 1.85 21.15
C ASN B 149 -2.06 2.27 21.52
N GLN B 150 -1.43 3.07 20.68
CA GLN B 150 -0.02 3.41 20.85
C GLN B 150 0.17 4.92 20.94
N GLY B 151 1.29 5.31 21.53
CA GLY B 151 1.62 6.72 21.71
C GLY B 151 0.86 7.39 22.82
N ASN B 152 0.74 6.73 23.97
CA ASN B 152 -0.03 7.21 25.11
C ASN B 152 -1.46 7.60 24.73
N ASN B 153 -2.20 6.60 24.29
CA ASN B 153 -3.59 6.76 23.89
C ASN B 153 -4.41 7.41 24.99
N PRO B 154 -4.97 8.61 24.77
CA PRO B 154 -5.70 9.27 25.85
C PRO B 154 -7.07 8.66 26.09
N PHE B 155 -7.72 8.24 24.99
CA PHE B 155 -9.02 7.60 25.07
C PHE B 155 -8.89 6.23 25.73
N GLY B 156 -9.93 5.82 26.44
CA GLY B 156 -10.04 4.45 26.91
C GLY B 156 -10.48 3.47 25.82
N LYS B 157 -10.23 3.84 24.57
CA LYS B 157 -10.91 3.27 23.41
C LYS B 157 -9.89 3.07 22.30
N SER B 158 -9.95 1.93 21.62
CA SER B 158 -9.22 1.76 20.38
C SER B 158 -9.67 0.47 19.71
N ILE B 159 -9.30 0.32 18.44
CA ILE B 159 -9.54 -0.96 17.75
C ILE B 159 -8.79 -2.08 18.46
N ALA B 160 -7.48 -1.92 18.62
CA ALA B 160 -6.66 -2.97 19.23
C ALA B 160 -7.14 -3.34 20.63
N GLN B 161 -7.66 -2.39 21.39
CA GLN B 161 -8.17 -2.69 22.72
C GLN B 161 -9.56 -3.33 22.70
N SER B 162 -10.38 -3.01 21.70
CA SER B 162 -11.64 -3.72 21.48
C SER B 162 -11.41 -5.19 21.19
N ILE B 163 -10.46 -5.47 20.30
CA ILE B 163 -10.09 -6.85 19.98
C ILE B 163 -9.59 -7.60 21.20
N GLU B 164 -8.75 -6.96 22.01
CA GLU B 164 -8.22 -7.64 23.19
C GLU B 164 -9.29 -7.95 24.23
N LYS B 165 -10.29 -7.10 24.40
CA LYS B 165 -11.35 -7.43 25.35
C LYS B 165 -12.31 -8.50 24.82
N THR B 166 -12.54 -8.56 23.51
CA THR B 166 -13.39 -9.61 22.94
C THR B 166 -12.63 -10.91 22.69
N ASN B 167 -11.30 -10.87 22.68
CA ASN B 167 -10.45 -12.00 22.28
C ASN B 167 -10.81 -12.55 20.91
N LYS B 168 -11.23 -11.67 20.01
CA LYS B 168 -11.72 -11.99 18.68
C LYS B 168 -10.55 -12.12 17.70
N VAL B 169 -9.57 -12.96 18.04
CA VAL B 169 -8.28 -13.09 17.34
C VAL B 169 -8.13 -14.47 16.69
N ILE B 170 -7.67 -14.48 15.42
CA ILE B 170 -7.25 -15.70 14.70
C ILE B 170 -5.74 -15.82 14.77
N LYS B 171 -5.24 -17.04 15.00
CA LYS B 171 -3.82 -17.35 14.94
C LYS B 171 -3.45 -18.13 13.66
N GLY B 172 -2.35 -17.73 13.02
CA GLY B 172 -1.75 -18.53 11.97
C GLY B 172 -1.34 -17.72 10.75
N ASP B 173 -0.95 -18.46 9.71
CA ASP B 173 -0.38 -17.91 8.48
C ASP B 173 -1.43 -17.29 7.57
N PHE B 174 -0.99 -16.34 6.74
CA PHE B 174 -1.84 -15.78 5.71
C PHE B 174 -2.24 -16.83 4.68
N THR B 175 -3.51 -17.25 4.72
CA THR B 175 -4.03 -18.32 3.88
C THR B 175 -5.49 -18.00 3.59
N GLN B 176 -6.00 -18.49 2.46
CA GLN B 176 -7.41 -18.27 2.17
C GLN B 176 -8.28 -18.90 3.25
N ASP B 177 -7.81 -20.01 3.79
CA ASP B 177 -8.38 -20.61 5.00
C ASP B 177 -8.56 -19.59 6.13
N ASN B 178 -7.46 -19.02 6.62
CA ASN B 178 -7.52 -18.08 7.73
C ASN B 178 -8.15 -16.73 7.37
N ILE B 179 -8.04 -16.31 6.12
CA ILE B 179 -8.62 -15.01 5.73
C ILE B 179 -10.14 -15.10 5.63
N ILE B 180 -10.67 -16.23 5.14
CA ILE B 180 -12.12 -16.43 5.18
C ILE B 180 -12.59 -16.52 6.63
N ASP B 181 -11.91 -17.31 7.46
CA ASP B 181 -12.28 -17.38 8.88
C ASP B 181 -12.26 -16.01 9.54
N LEU B 182 -11.30 -15.16 9.17
CA LEU B 182 -11.22 -13.82 9.77
C LEU B 182 -12.46 -12.99 9.48
N GLU B 183 -12.87 -12.92 8.21
CA GLU B 183 -14.10 -12.19 7.91
C GLU B 183 -15.34 -12.90 8.45
N ALA B 184 -15.37 -14.24 8.42
CA ALA B 184 -16.49 -14.97 8.97
C ALA B 184 -16.73 -14.66 10.44
N LEU B 185 -15.67 -14.31 11.16
CA LEU B 185 -15.78 -13.97 12.58
C LEU B 185 -16.64 -12.74 12.85
N LEU B 186 -16.93 -11.91 11.84
CA LEU B 186 -17.83 -10.78 12.03
C LEU B 186 -19.30 -11.12 11.83
N GLU B 187 -19.65 -11.90 10.82
CA GLU B 187 -21.05 -12.24 10.62
C GLU B 187 -21.54 -13.21 11.69
N ASP B 188 -20.62 -13.85 12.41
CA ASP B 188 -20.97 -14.54 13.64
C ASP B 188 -21.61 -13.60 14.66
N ASP B 189 -21.41 -12.29 14.52
CA ASP B 189 -22.15 -11.28 15.27
C ASP B 189 -23.06 -10.46 14.36
N GLU B 190 -23.37 -11.01 13.19
CA GLU B 190 -24.30 -10.42 12.23
C GLU B 190 -23.84 -9.07 11.68
N LEU B 191 -22.51 -8.90 11.57
CA LEU B 191 -21.87 -7.74 10.97
C LEU B 191 -21.11 -8.20 9.73
N GLU B 192 -20.99 -7.32 8.73
CA GLU B 192 -20.15 -7.58 7.57
C GLU B 192 -18.91 -6.70 7.57
N ALA B 193 -17.75 -7.30 7.28
CA ALA B 193 -16.51 -6.57 7.11
C ALA B 193 -16.59 -5.59 5.95
N ASN B 194 -15.90 -4.46 6.09
CA ASN B 194 -15.93 -3.39 5.11
C ASN B 194 -14.56 -3.02 4.54
N ALA B 195 -13.47 -3.35 5.23
CA ALA B 195 -12.12 -3.07 4.75
C ALA B 195 -11.13 -3.92 5.54
N PHE B 196 -9.88 -3.93 5.09
CA PHE B 196 -8.76 -4.46 5.85
C PHE B 196 -7.74 -3.38 6.16
N ILE B 197 -7.10 -3.52 7.33
CA ILE B 197 -5.92 -2.75 7.70
C ILE B 197 -4.72 -3.68 7.69
N SER B 198 -3.68 -3.32 6.94
CA SER B 198 -2.44 -4.12 6.92
C SER B 198 -1.21 -3.22 6.80
N LYS B 199 -0.05 -3.85 7.01
CA LYS B 199 1.26 -3.20 6.93
C LYS B 199 1.87 -3.54 5.57
N THR B 200 2.30 -2.52 4.82
CA THR B 200 2.76 -2.74 3.45
C THR B 200 3.89 -3.75 3.32
N GLN B 201 4.67 -3.99 4.38
CA GLN B 201 5.64 -5.09 4.36
C GLN B 201 5.05 -6.44 4.00
N ASN B 202 3.77 -6.66 4.25
CA ASN B 202 3.20 -8.00 4.19
C ASN B 202 2.42 -8.33 2.91
N ARG B 203 2.27 -7.40 1.97
CA ARG B 203 1.70 -7.79 0.69
C ARG B 203 2.57 -8.80 -0.07
N SER B 204 3.83 -8.97 0.32
CA SER B 204 4.57 -10.18 -0.07
C SER B 204 3.80 -11.45 0.26
N LEU B 205 3.28 -11.56 1.48
CA LEU B 205 2.57 -12.78 1.88
C LEU B 205 1.22 -12.92 1.18
N LEU B 206 0.48 -11.82 1.04
CA LEU B 206 -0.78 -11.85 0.31
C LEU B 206 -0.60 -12.17 -1.17
N ARG B 207 0.50 -11.73 -1.77
CA ARG B 207 0.75 -11.99 -3.19
C ARG B 207 0.94 -13.46 -3.51
N LYS B 208 1.31 -14.29 -2.54
CA LYS B 208 1.59 -15.71 -2.77
C LYS B 208 0.61 -16.67 -2.10
N ILE B 209 -0.68 -16.32 -2.04
CA ILE B 209 -1.74 -17.25 -1.67
C ILE B 209 -2.78 -17.33 -2.78
N VAL B 210 -3.11 -18.57 -3.18
CA VAL B 210 -4.02 -18.88 -4.28
C VAL B 210 -4.91 -20.04 -3.86
N ASP B 211 -6.16 -20.04 -4.34
CA ASP B 211 -7.06 -21.16 -4.10
C ASP B 211 -6.60 -22.41 -4.86
N PRO B 212 -6.33 -23.53 -4.19
CA PRO B 212 -5.94 -24.74 -4.93
C PRO B 212 -7.07 -25.37 -5.73
N GLU B 213 -8.34 -25.05 -5.45
CA GLU B 213 -9.46 -25.62 -6.21
C GLU B 213 -9.81 -24.77 -7.43
N THR B 214 -10.29 -23.54 -7.21
CA THR B 214 -10.63 -22.70 -8.36
C THR B 214 -9.40 -22.10 -9.02
N LYS B 215 -8.25 -22.11 -8.34
CA LYS B 215 -7.00 -21.56 -8.87
C LYS B 215 -7.16 -20.11 -9.33
N GLU B 216 -7.69 -19.28 -8.44
CA GLU B 216 -7.68 -17.84 -8.57
C GLU B 216 -7.12 -17.24 -7.28
N ARG B 217 -6.40 -16.12 -7.42
CA ARG B 217 -5.75 -15.48 -6.28
C ARG B 217 -6.65 -14.52 -5.53
N ILE B 218 -6.54 -14.55 -4.21
CA ILE B 218 -7.40 -13.78 -3.31
C ILE B 218 -7.03 -12.30 -3.29
N TYR B 219 -5.78 -11.94 -3.56
CA TYR B 219 -5.29 -10.56 -3.48
C TYR B 219 -4.98 -9.98 -4.85
N ASP B 220 -5.57 -8.82 -5.15
CA ASP B 220 -5.17 -8.03 -6.33
C ASP B 220 -3.88 -7.26 -6.05
N ARG B 221 -2.80 -7.70 -6.68
CA ARG B 221 -1.58 -6.89 -6.73
C ARG B 221 -1.82 -5.58 -7.48
N ASN B 222 -2.75 -5.58 -8.43
CA ASN B 222 -3.06 -4.41 -9.25
C ASN B 222 -3.90 -3.36 -8.53
N SER B 223 -4.92 -3.77 -7.79
CA SER B 223 -5.88 -2.84 -7.20
C SER B 223 -5.74 -2.68 -5.69
N ASP B 224 -4.91 -3.49 -5.04
CA ASP B 224 -4.78 -3.53 -3.59
C ASP B 224 -6.11 -3.86 -2.91
N SER B 225 -6.85 -4.80 -3.50
CA SER B 225 -8.08 -5.34 -2.92
C SER B 225 -7.80 -6.75 -2.42
N LEU B 226 -8.20 -7.04 -1.19
CA LEU B 226 -8.11 -8.39 -0.66
C LEU B 226 -9.52 -8.96 -0.53
N ASP B 227 -9.74 -10.12 -1.15
CA ASP B 227 -11.04 -10.79 -1.14
C ASP B 227 -12.17 -9.83 -1.52
N GLY B 228 -11.89 -8.98 -2.51
CA GLY B 228 -12.84 -7.98 -2.98
C GLY B 228 -12.98 -6.74 -2.14
N LEU B 229 -12.50 -6.74 -0.89
CA LEU B 229 -12.54 -5.54 -0.05
C LEU B 229 -11.31 -4.67 -0.25
N PRO B 230 -11.43 -3.36 -0.04
CA PRO B 230 -10.24 -2.49 -0.10
C PRO B 230 -9.30 -2.71 1.08
N VAL B 231 -7.99 -2.64 0.80
CA VAL B 231 -6.94 -2.66 1.82
C VAL B 231 -6.41 -1.25 2.04
N VAL B 232 -6.24 -0.87 3.30
CA VAL B 232 -5.58 0.38 3.69
C VAL B 232 -4.29 0.05 4.43
N ASN B 233 -3.21 0.75 4.07
CA ASN B 233 -1.87 0.50 4.62
C ASN B 233 -1.54 1.49 5.73
N LEU B 234 -1.05 0.98 6.87
CA LEU B 234 -0.44 1.84 7.88
C LEU B 234 1.04 2.05 7.63
N LYS B 235 1.51 3.27 7.83
CA LYS B 235 2.93 3.58 7.83
C LYS B 235 3.60 3.25 9.17
N SER B 236 2.83 3.11 10.25
CA SER B 236 3.35 2.79 11.57
C SER B 236 4.24 1.55 11.57
N SER B 237 5.23 1.57 12.48
CA SER B 237 6.07 0.42 12.80
C SER B 237 5.49 -0.51 13.85
N ASN B 238 4.37 -0.13 14.47
CA ASN B 238 3.81 -0.93 15.56
C ASN B 238 3.01 -2.14 15.07
N LEU B 239 2.40 -2.05 13.90
CA LEU B 239 1.74 -3.19 13.27
C LEU B 239 2.75 -4.09 12.56
N LYS B 240 2.94 -5.31 13.06
CA LYS B 240 3.97 -6.22 12.56
C LYS B 240 3.57 -6.81 11.20
N ARG B 241 4.56 -7.34 10.48
CA ARG B 241 4.31 -7.92 9.15
C ARG B 241 3.21 -8.99 9.16
N GLY B 242 3.31 -9.97 10.04
CA GLY B 242 2.37 -11.08 10.04
C GLY B 242 0.94 -10.74 10.45
N GLU B 243 0.63 -9.50 10.80
CA GLU B 243 -0.65 -9.13 11.41
C GLU B 243 -1.58 -8.42 10.43
N LEU B 244 -2.87 -8.76 10.50
CA LEU B 244 -3.91 -8.21 9.64
C LEU B 244 -5.15 -7.92 10.48
N ILE B 245 -5.81 -6.79 10.23
CA ILE B 245 -7.02 -6.40 10.94
C ILE B 245 -8.15 -6.16 9.95
N THR B 246 -9.37 -6.56 10.31
CA THR B 246 -10.57 -6.24 9.53
C THR B 246 -11.70 -5.84 10.47
N GLY B 247 -12.70 -5.16 9.90
CA GLY B 247 -13.82 -4.68 10.70
C GLY B 247 -14.88 -4.02 9.84
N ASP B 248 -16.01 -3.71 10.48
CA ASP B 248 -17.02 -2.80 9.92
C ASP B 248 -16.69 -1.37 10.36
N PHE B 249 -15.94 -0.65 9.53
CA PHE B 249 -15.41 0.65 9.93
C PHE B 249 -16.45 1.76 10.02
N ASP B 250 -17.66 1.57 9.52
CA ASP B 250 -18.73 2.50 9.86
C ASP B 250 -19.07 2.49 11.35
N LYS B 251 -18.61 1.50 12.11
CA LYS B 251 -18.73 1.50 13.56
C LYS B 251 -17.63 2.29 14.27
N LEU B 252 -16.65 2.83 13.55
CA LEU B 252 -15.63 3.69 14.15
C LEU B 252 -15.95 5.14 13.82
N ILE B 253 -16.27 5.92 14.85
CA ILE B 253 -16.76 7.28 14.72
C ILE B 253 -15.72 8.23 15.30
N TYR B 254 -15.47 9.33 14.60
CA TYR B 254 -14.57 10.37 15.07
C TYR B 254 -15.22 11.75 14.91
N GLY B 255 -14.74 12.69 15.73
CA GLY B 255 -15.18 14.06 15.65
C GLY B 255 -14.02 15.02 15.86
N ILE B 256 -14.18 16.22 15.32
CA ILE B 256 -13.12 17.24 15.41
C ILE B 256 -13.74 18.55 15.88
N PRO B 257 -13.80 18.78 17.19
CA PRO B 257 -14.30 20.07 17.69
C PRO B 257 -13.51 21.29 17.21
N GLN B 258 -12.19 21.16 17.03
CA GLN B 258 -11.36 22.27 16.59
C GLN B 258 -10.39 21.79 15.51
N LEU B 259 -10.64 22.22 14.28
CA LEU B 259 -9.68 22.08 13.19
C LEU B 259 -8.38 22.79 13.54
N ILE B 260 -7.26 22.31 12.96
CA ILE B 260 -5.94 22.80 13.34
C ILE B 260 -5.89 24.32 13.30
N GLU B 261 -5.66 24.93 14.46
CA GLU B 261 -5.48 26.38 14.58
C GLU B 261 -4.02 26.69 14.85
N TYR B 262 -3.46 27.62 14.08
CA TYR B 262 -2.09 28.07 14.25
C TYR B 262 -2.08 29.46 14.84
N LYS B 263 -1.24 29.69 15.85
CA LYS B 263 -0.89 31.03 16.30
C LYS B 263 0.61 31.22 16.17
N ILE B 264 1.01 32.38 15.65
CA ILE B 264 2.42 32.77 15.56
C ILE B 264 2.67 33.90 16.57
N ASP B 265 3.70 33.74 17.41
CA ASP B 265 3.90 34.59 18.57
C ASP B 265 5.34 35.07 18.70
N GLU B 266 5.49 36.37 18.97
CA GLU B 266 6.78 37.05 18.97
C GLU B 266 7.17 37.57 20.34
N THR B 267 6.48 37.17 21.40
CA THR B 267 6.59 37.86 22.69
C THR B 267 6.42 36.95 23.92
N ALA B 268 5.87 35.75 23.75
CA ALA B 268 5.72 34.81 24.86
C ALA B 268 7.07 34.39 25.47
N GLN B 269 6.98 33.71 26.61
CA GLN B 269 8.08 32.93 27.18
C GLN B 269 7.84 31.44 26.95
N LEU B 270 8.88 30.71 26.52
CA LEU B 270 8.87 29.26 26.47
C LEU B 270 9.67 28.68 27.63
N SER B 271 8.97 28.05 28.58
CA SER B 271 9.62 27.43 29.72
C SER B 271 10.24 26.08 29.40
N THR B 272 9.76 25.42 28.35
CA THR B 272 10.19 24.07 28.00
C THR B 272 11.52 24.01 27.28
N VAL B 273 11.98 25.12 26.68
CA VAL B 273 13.35 25.27 26.20
C VAL B 273 14.08 26.20 27.15
N LYS B 274 15.30 25.83 27.54
CA LYS B 274 16.12 26.65 28.43
C LYS B 274 17.35 27.19 27.72
N ASN B 275 17.78 28.37 28.16
CA ASN B 275 19.08 28.94 27.80
C ASN B 275 20.24 28.18 28.44
N GLU B 276 21.44 28.47 27.92
CA GLU B 276 22.66 27.83 28.42
C GLU B 276 22.87 28.09 29.91
N ASP B 277 22.48 29.26 30.40
CA ASP B 277 22.58 29.59 31.81
C ASP B 277 21.42 29.06 32.65
N GLY B 278 20.46 28.36 32.05
CA GLY B 278 19.33 27.80 32.74
C GLY B 278 18.07 28.66 32.74
N THR B 279 18.12 29.87 32.22
CA THR B 279 16.94 30.72 32.17
C THR B 279 15.95 30.23 31.11
N PRO B 280 14.64 30.38 31.35
CA PRO B 280 13.66 30.18 30.27
C PRO B 280 13.88 31.10 29.08
N VAL B 281 13.50 30.63 27.90
CA VAL B 281 13.61 31.40 26.66
C VAL B 281 12.50 32.45 26.58
N ASN B 282 12.89 33.72 26.44
CA ASN B 282 11.95 34.83 26.26
C ASN B 282 11.99 35.30 24.80
N LEU B 283 10.85 35.23 24.11
CA LEU B 283 10.88 35.52 22.68
C LEU B 283 11.07 37.00 22.36
N PHE B 284 10.54 37.91 23.17
CA PHE B 284 10.74 39.34 22.93
C PHE B 284 12.18 39.74 23.26
N GLU B 285 12.61 39.46 24.48
CA GLU B 285 13.91 39.88 24.96
C GLU B 285 15.06 39.25 24.19
N GLN B 286 14.89 38.06 23.65
CA GLN B 286 15.94 37.39 22.88
C GLN B 286 15.75 37.50 21.37
N ASP B 287 14.74 38.25 20.92
CA ASP B 287 14.48 38.50 19.49
C ASP B 287 14.20 37.22 18.69
N MET B 288 13.15 36.50 19.09
CA MET B 288 12.81 35.20 18.54
C MET B 288 11.33 35.16 18.19
N VAL B 289 10.92 34.13 17.43
CA VAL B 289 9.55 33.90 17.03
C VAL B 289 9.22 32.44 17.29
N ALA B 290 7.94 32.15 17.54
CA ALA B 290 7.48 30.76 17.65
C ALA B 290 6.11 30.58 17.01
N LEU B 291 5.86 29.35 16.54
CA LEU B 291 4.58 28.91 16.00
C LEU B 291 3.96 27.87 16.92
N ARG B 292 2.72 28.10 17.35
CA ARG B 292 1.94 27.12 18.11
C ARG B 292 0.78 26.58 17.28
N ALA B 293 0.69 25.26 17.17
CA ALA B 293 -0.46 24.58 16.57
C ALA B 293 -1.21 23.77 17.61
N THR B 294 -2.55 23.81 17.58
CA THR B 294 -3.36 22.92 18.40
C THR B 294 -4.56 22.39 17.62
N MET B 295 -5.03 21.22 18.02
CA MET B 295 -6.18 20.55 17.42
C MET B 295 -6.89 19.73 18.48
N HIS B 296 -8.23 19.74 18.46
CA HIS B 296 -9.04 18.88 19.32
C HIS B 296 -9.66 17.78 18.48
N VAL B 297 -9.54 16.54 18.96
CA VAL B 297 -9.93 15.37 18.20
C VAL B 297 -10.59 14.35 19.13
N ALA B 298 -11.65 13.69 18.64
CA ALA B 298 -12.48 12.80 19.44
C ALA B 298 -12.70 11.48 18.73
N LEU B 299 -12.74 10.38 19.50
CA LEU B 299 -12.82 9.03 18.97
C LEU B 299 -13.85 8.18 19.71
N HIS B 300 -14.59 7.37 18.97
CA HIS B 300 -15.60 6.48 19.54
C HIS B 300 -15.63 5.16 18.78
N ILE B 301 -15.50 4.04 19.50
CA ILE B 301 -15.83 2.71 18.94
C ILE B 301 -17.29 2.42 19.24
N ALA B 302 -18.13 2.44 18.20
CA ALA B 302 -19.56 2.25 18.41
C ALA B 302 -19.93 0.82 18.75
N ASP B 303 -19.13 -0.16 18.35
CA ASP B 303 -19.42 -1.57 18.64
C ASP B 303 -18.13 -2.36 18.80
N ASP B 304 -17.79 -2.72 20.03
CA ASP B 304 -16.53 -3.41 20.30
C ASP B 304 -16.40 -4.74 19.58
N LYS B 305 -17.50 -5.35 19.14
CA LYS B 305 -17.44 -6.63 18.45
C LYS B 305 -17.12 -6.52 16.96
N ALA B 306 -17.17 -5.33 16.38
CA ALA B 306 -17.11 -5.16 14.93
C ALA B 306 -15.70 -5.29 14.33
N PHE B 307 -14.69 -5.70 15.09
CA PHE B 307 -13.31 -5.74 14.63
C PHE B 307 -12.65 -7.05 15.02
N ALA B 308 -11.84 -7.59 14.11
CA ALA B 308 -11.15 -8.87 14.33
C ALA B 308 -9.75 -8.84 13.73
N LYS B 309 -8.86 -9.67 14.28
CA LYS B 309 -7.43 -9.63 13.97
C LYS B 309 -6.86 -11.01 13.69
N LEU B 310 -5.98 -11.10 12.69
CA LEU B 310 -5.17 -12.28 12.40
C LEU B 310 -3.72 -12.04 12.83
N VAL B 311 -3.16 -12.97 13.59
CA VAL B 311 -1.85 -12.82 14.23
C VAL B 311 -0.97 -14.03 13.93
N PRO B 312 0.35 -13.85 13.73
CA PRO B 312 1.23 -15.02 13.56
C PRO B 312 1.43 -15.78 14.86
N ALA B 313 1.37 -17.11 14.77
CA ALA B 313 1.41 -17.98 15.95
C ALA B 313 2.80 -18.11 16.56
N SER C 16 71.72 5.10 -37.57
CA SER C 16 71.90 3.63 -37.46
C SER C 16 71.70 2.92 -38.80
N ASN C 17 70.61 3.23 -39.49
CA ASN C 17 70.23 2.50 -40.71
C ASN C 17 70.05 1.00 -40.47
N ASN C 18 69.29 0.65 -39.43
CA ASN C 18 68.72 -0.69 -39.29
C ASN C 18 67.23 -0.63 -39.63
N VAL C 19 66.79 -1.49 -40.55
CA VAL C 19 65.50 -1.33 -41.21
C VAL C 19 64.40 -2.21 -40.64
N LYS C 20 64.71 -3.09 -39.70
CA LYS C 20 63.69 -3.95 -39.11
C LYS C 20 62.68 -3.15 -38.30
N PRO C 21 61.42 -3.61 -38.22
CA PRO C 21 60.40 -2.89 -37.45
C PRO C 21 60.78 -2.68 -35.98
N GLN C 22 60.30 -1.57 -35.44
CA GLN C 22 60.46 -1.26 -34.01
C GLN C 22 59.59 -2.20 -33.17
N VAL C 23 60.24 -2.94 -32.26
CA VAL C 23 59.55 -3.67 -31.19
C VAL C 23 59.17 -2.70 -30.07
N PHE C 24 57.99 -2.91 -29.49
CA PHE C 24 57.46 -2.05 -28.44
C PHE C 24 57.09 -2.87 -27.20
N ASN C 25 57.04 -2.17 -26.06
CA ASN C 25 56.61 -2.79 -24.80
C ASN C 25 55.79 -1.80 -23.96
N PRO C 26 54.50 -2.06 -23.70
CA PRO C 26 53.67 -3.14 -24.23
C PRO C 26 53.45 -2.98 -25.72
N ASP C 27 53.26 -4.07 -26.45
CA ASP C 27 53.10 -4.03 -27.90
C ASP C 27 51.70 -3.62 -28.31
N ASN C 28 51.24 -2.47 -27.80
CA ASN C 28 49.91 -1.93 -28.11
C ASN C 28 49.87 -1.11 -29.39
N VAL C 29 50.91 -1.14 -30.22
CA VAL C 29 51.01 -0.29 -31.41
C VAL C 29 50.63 -1.10 -32.65
N MET C 30 49.74 -0.54 -33.47
CA MET C 30 49.39 -1.17 -34.75
C MET C 30 50.52 -0.97 -35.75
N MET C 31 50.93 -2.05 -36.42
CA MET C 31 52.04 -2.00 -37.37
C MET C 31 51.69 -2.68 -38.69
N HIS C 32 52.27 -2.13 -39.75
CA HIS C 32 52.10 -2.65 -41.11
C HIS C 32 52.94 -3.87 -41.38
N GLU C 33 54.13 -3.95 -40.78
CA GLU C 33 55.06 -5.05 -41.00
C GLU C 33 55.22 -5.89 -39.73
N LYS C 34 54.99 -7.19 -39.86
CA LYS C 34 55.18 -8.12 -38.76
C LYS C 34 56.66 -8.40 -38.53
N LYS C 35 56.96 -8.93 -37.34
CA LYS C 35 58.36 -9.24 -37.00
C LYS C 35 59.00 -10.19 -38.00
N ASP C 36 58.24 -11.14 -38.54
CA ASP C 36 58.76 -12.07 -39.55
C ASP C 36 58.97 -11.42 -40.91
N GLY C 37 58.63 -10.15 -41.09
CA GLY C 37 58.79 -9.46 -42.35
C GLY C 37 57.57 -9.47 -43.26
N THR C 38 56.46 -10.07 -42.85
CA THR C 38 55.25 -10.04 -43.65
C THR C 38 54.62 -8.65 -43.63
N LEU C 39 54.31 -8.12 -44.80
CA LEU C 39 53.62 -6.84 -44.92
C LEU C 39 52.13 -7.08 -45.13
N MET C 40 51.29 -6.41 -44.34
CA MET C 40 49.84 -6.55 -44.43
C MET C 40 49.25 -5.57 -45.45
N ASN C 41 49.40 -5.91 -46.73
CA ASN C 41 48.92 -5.09 -47.83
C ASN C 41 47.43 -5.26 -48.12
N GLU C 42 47.04 -6.33 -48.81
CA GLU C 42 45.65 -6.56 -49.18
C GLU C 42 44.82 -7.07 -48.02
N PHE C 43 44.92 -6.37 -46.89
CA PHE C 43 44.11 -6.63 -45.70
C PHE C 43 42.64 -6.33 -45.98
N THR C 44 41.76 -7.20 -45.48
CA THR C 44 40.31 -6.99 -45.50
C THR C 44 39.80 -6.57 -44.13
N THR C 45 38.99 -5.51 -44.10
CA THR C 45 38.43 -4.95 -42.88
C THR C 45 37.65 -5.99 -42.08
N PRO C 46 38.01 -6.28 -40.84
CA PRO C 46 37.23 -7.23 -40.03
C PRO C 46 35.78 -6.82 -39.92
N ILE C 47 34.88 -7.79 -40.06
CA ILE C 47 33.45 -7.54 -39.89
C ILE C 47 33.08 -7.67 -38.42
N LEU C 48 32.09 -6.88 -38.01
CA LEU C 48 31.63 -6.78 -36.61
C LEU C 48 30.70 -7.95 -36.26
N GLN C 49 31.24 -8.89 -35.49
CA GLN C 49 30.58 -10.17 -35.19
C GLN C 49 29.50 -10.06 -34.12
N GLU C 50 29.26 -8.87 -33.56
CA GLU C 50 28.56 -8.73 -32.28
C GLU C 50 28.03 -7.31 -32.13
N VAL C 51 26.76 -7.17 -31.71
CA VAL C 51 26.15 -5.85 -31.56
C VAL C 51 26.69 -5.11 -30.34
N MET C 52 26.95 -3.81 -30.51
CA MET C 52 27.53 -2.97 -29.46
C MET C 52 26.52 -2.70 -28.34
N GLU C 53 26.96 -2.79 -27.08
CA GLU C 53 26.08 -2.75 -25.92
C GLU C 53 26.23 -1.46 -25.12
N ASN C 54 25.11 -0.77 -24.87
CA ASN C 54 25.05 0.45 -24.09
C ASN C 54 25.31 0.20 -22.60
N SER C 55 25.57 1.29 -21.87
CA SER C 55 25.72 1.22 -20.42
C SER C 55 24.39 0.84 -19.77
N LYS C 56 24.45 -0.15 -18.87
CA LYS C 56 23.26 -0.52 -18.10
C LYS C 56 22.94 0.47 -16.99
N ILE C 57 23.95 1.15 -16.44
CA ILE C 57 23.66 2.27 -15.52
C ILE C 57 22.87 3.35 -16.22
N MET C 58 23.19 3.63 -17.48
CA MET C 58 22.43 4.62 -18.24
C MET C 58 21.11 4.05 -18.73
N GLN C 59 20.99 2.73 -18.84
CA GLN C 59 19.71 2.08 -19.11
C GLN C 59 18.75 2.27 -17.94
N LEU C 60 19.16 1.85 -16.76
CA LEU C 60 18.31 1.77 -15.57
C LEU C 60 18.25 3.08 -14.77
N GLY C 61 19.39 3.73 -14.55
CA GLY C 61 19.45 4.84 -13.62
C GLY C 61 18.77 6.11 -14.11
N LYS C 62 18.54 7.03 -13.17
CA LYS C 62 18.07 8.38 -13.50
C LYS C 62 19.24 9.26 -13.92
N TYR C 63 19.02 10.05 -14.97
CA TYR C 63 19.95 11.10 -15.35
C TYR C 63 19.83 12.31 -14.44
N GLU C 64 20.96 12.94 -14.14
CA GLU C 64 21.01 14.15 -13.32
C GLU C 64 21.96 15.17 -13.93
N PRO C 65 21.45 16.22 -14.57
CA PRO C 65 22.32 17.24 -15.17
C PRO C 65 23.32 17.83 -14.18
N MET C 66 24.57 17.92 -14.62
CA MET C 66 25.63 18.58 -13.88
C MET C 66 26.16 19.77 -14.68
N GLU C 67 26.48 20.84 -13.97
CA GLU C 67 27.05 22.05 -14.57
C GLU C 67 28.51 22.21 -14.19
N GLY C 68 29.07 21.16 -13.57
CA GLY C 68 30.45 21.13 -13.16
C GLY C 68 30.71 19.74 -12.63
N THR C 69 31.89 19.52 -12.09
CA THR C 69 32.25 18.18 -11.68
C THR C 69 31.63 17.71 -10.37
N GLU C 70 30.74 18.49 -9.75
CA GLU C 70 30.13 18.04 -8.50
C GLU C 70 28.70 18.58 -8.37
N LYS C 71 27.85 17.79 -7.72
CA LYS C 71 26.45 18.14 -7.46
C LYS C 71 26.14 17.91 -5.98
N LYS C 72 25.19 18.68 -5.45
CA LYS C 72 24.84 18.61 -4.03
C LYS C 72 23.32 18.68 -3.83
N PHE C 73 22.83 17.96 -2.80
CA PHE C 73 21.41 17.81 -2.53
C PHE C 73 21.10 18.05 -1.05
N THR C 74 19.99 18.74 -0.76
CA THR C 74 19.49 18.91 0.61
C THR C 74 18.12 18.25 0.77
N PHE C 75 18.00 17.33 1.72
CA PHE C 75 16.77 16.57 1.98
C PHE C 75 16.34 16.71 3.43
N TRP C 76 15.02 16.82 3.67
CA TRP C 76 14.49 16.76 5.03
C TRP C 76 14.78 15.40 5.67
N ALA C 77 15.19 15.42 6.94
CA ALA C 77 15.55 14.22 7.65
C ALA C 77 14.66 13.89 8.84
N ASP C 78 14.04 14.88 9.48
CA ASP C 78 13.11 14.67 10.59
C ASP C 78 11.85 15.49 10.42
N LYS C 79 10.69 14.87 10.67
CA LYS C 79 9.45 15.60 10.86
C LYS C 79 9.33 16.08 12.32
N PRO C 80 8.66 17.21 12.56
CA PRO C 80 8.37 17.60 13.94
C PRO C 80 7.42 16.63 14.63
N GLY C 81 7.62 16.43 15.93
CA GLY C 81 6.72 15.61 16.73
C GLY C 81 5.38 16.28 17.01
N ALA C 82 4.61 15.63 17.89
CA ALA C 82 3.41 16.22 18.47
C ALA C 82 3.09 15.52 19.79
N TYR C 83 2.30 16.19 20.63
CA TYR C 83 2.00 15.73 21.98
C TYR C 83 0.50 15.78 22.26
N TRP C 84 0.01 14.84 23.08
CA TRP C 84 -1.27 15.00 23.76
C TRP C 84 -1.10 15.93 24.95
N VAL C 85 -1.95 16.96 25.04
CA VAL C 85 -1.79 18.03 26.01
C VAL C 85 -3.05 18.12 26.87
N GLY C 86 -2.89 18.03 28.18
CA GLY C 86 -4.01 18.17 29.09
C GLY C 86 -4.58 19.58 29.08
N GLU C 87 -5.70 19.75 29.79
CA GLU C 87 -6.29 21.07 29.98
C GLU C 87 -5.29 21.96 30.72
N GLY C 88 -4.86 23.04 30.08
CA GLY C 88 -3.92 23.96 30.69
C GLY C 88 -2.54 23.40 30.97
N GLN C 89 -2.18 22.26 30.38
CA GLN C 89 -0.82 21.73 30.47
C GLN C 89 0.11 22.42 29.47
N LYS C 90 1.40 22.45 29.80
CA LYS C 90 2.41 23.04 28.91
C LYS C 90 2.56 22.24 27.61
N ILE C 91 2.41 22.92 26.48
CA ILE C 91 2.78 22.36 25.19
C ILE C 91 4.29 22.30 25.05
N GLU C 92 4.82 21.19 24.54
CA GLU C 92 6.26 21.03 24.32
C GLU C 92 6.67 21.31 22.87
N THR C 93 7.98 21.48 22.68
CA THR C 93 8.58 21.87 21.40
C THR C 93 9.08 20.67 20.60
N SER C 94 9.35 20.91 19.31
CA SER C 94 10.05 19.94 18.46
C SER C 94 10.67 20.68 17.28
N LYS C 95 11.56 19.99 16.55
CA LYS C 95 12.30 20.59 15.44
C LYS C 95 12.19 19.75 14.16
N ALA C 96 12.23 20.44 13.02
CA ALA C 96 12.62 19.86 11.74
C ALA C 96 14.13 19.64 11.67
N THR C 97 14.57 18.88 10.65
CA THR C 97 16.00 18.73 10.36
C THR C 97 16.17 18.36 8.88
N TRP C 98 17.36 18.67 8.34
CA TRP C 98 17.73 18.27 6.98
C TRP C 98 19.14 17.69 6.94
N VAL C 99 19.43 16.93 5.88
CA VAL C 99 20.71 16.27 5.67
C VAL C 99 21.23 16.53 4.26
N ASN C 100 22.55 16.55 4.11
CA ASN C 100 23.24 16.83 2.85
C ASN C 100 23.81 15.58 2.20
N ALA C 101 23.74 15.51 0.86
CA ALA C 101 24.47 14.50 0.07
C ALA C 101 25.14 15.16 -1.14
N THR C 102 26.19 14.53 -1.67
CA THR C 102 26.93 15.10 -2.80
C THR C 102 27.50 14.03 -3.72
N MET C 103 27.59 14.38 -5.02
CA MET C 103 27.99 13.51 -6.13
C MET C 103 29.14 14.15 -6.91
N ARG C 104 30.25 13.43 -7.11
CA ARG C 104 31.39 13.93 -7.89
C ARG C 104 31.69 13.04 -9.11
N ALA C 105 32.23 13.66 -10.16
CA ALA C 105 32.68 12.98 -11.37
C ALA C 105 34.10 12.42 -11.25
N PHE C 106 34.41 11.45 -12.13
CA PHE C 106 35.76 10.95 -12.39
C PHE C 106 35.97 10.82 -13.90
N LYS C 107 37.23 10.73 -14.34
CA LYS C 107 37.58 10.69 -15.75
C LYS C 107 37.97 9.29 -16.23
N LEU C 108 37.37 8.87 -17.35
CA LEU C 108 37.79 7.71 -18.15
C LEU C 108 38.66 8.16 -19.32
N GLY C 109 39.69 7.36 -19.66
CA GLY C 109 40.46 7.65 -20.86
C GLY C 109 41.26 6.48 -21.40
N VAL C 110 41.58 6.56 -22.70
CA VAL C 110 42.42 5.57 -23.38
C VAL C 110 43.17 6.27 -24.52
N ILE C 111 44.36 5.76 -24.87
CA ILE C 111 45.09 6.15 -26.08
C ILE C 111 45.36 4.93 -26.97
N LEU C 112 45.18 5.10 -28.28
CA LEU C 112 45.46 4.06 -29.28
C LEU C 112 46.57 4.46 -30.25
N PRO C 113 47.82 4.04 -30.03
CA PRO C 113 48.91 4.41 -30.94
C PRO C 113 48.95 3.59 -32.23
N VAL C 114 49.31 4.26 -33.33
CA VAL C 114 49.26 3.72 -34.69
C VAL C 114 50.50 4.16 -35.45
N THR C 115 51.10 3.24 -36.21
CA THR C 115 52.16 3.58 -37.16
C THR C 115 51.57 4.20 -38.41
N LYS C 116 52.24 5.21 -38.97
CA LYS C 116 51.69 5.88 -40.15
C LYS C 116 51.60 4.96 -41.37
N GLU C 117 52.53 4.04 -41.55
CA GLU C 117 52.38 3.03 -42.60
C GLU C 117 51.10 2.22 -42.44
N PHE C 118 50.80 1.79 -41.21
CA PHE C 118 49.56 1.05 -40.97
C PHE C 118 48.35 1.85 -41.43
N LEU C 119 48.28 3.10 -41.01
CA LEU C 119 47.14 3.94 -41.36
C LEU C 119 47.08 4.30 -42.84
N ASN C 120 48.20 4.25 -43.56
CA ASN C 120 48.21 4.54 -45.00
C ASN C 120 47.94 3.32 -45.87
N TYR C 121 48.54 2.19 -45.55
CA TYR C 121 48.50 1.01 -46.41
C TYR C 121 47.57 -0.07 -45.91
N THR C 122 47.56 -0.35 -44.61
CA THR C 122 46.81 -1.49 -44.09
C THR C 122 45.33 -1.16 -43.90
N TYR C 123 45.01 -0.12 -43.13
CA TYR C 123 43.64 0.09 -42.67
C TYR C 123 43.40 1.60 -42.50
N SER C 124 42.90 2.23 -43.57
CA SER C 124 42.77 3.68 -43.59
C SER C 124 41.72 4.21 -42.61
N GLN C 125 40.58 3.53 -42.49
CA GLN C 125 39.46 3.97 -41.66
C GLN C 125 39.58 3.54 -40.21
N PHE C 126 40.76 3.14 -39.76
CA PHE C 126 40.90 2.55 -38.42
C PHE C 126 40.27 3.39 -37.33
N PHE C 127 40.62 4.67 -37.22
CA PHE C 127 40.09 5.49 -36.14
C PHE C 127 38.59 5.73 -36.24
N GLU C 128 38.07 6.03 -37.43
CA GLU C 128 36.63 6.18 -37.56
C GLU C 128 35.86 4.92 -37.18
N GLU C 129 36.43 3.76 -37.43
CA GLU C 129 35.77 2.51 -37.08
C GLU C 129 36.06 2.05 -35.66
N MET C 130 37.14 2.54 -35.05
CA MET C 130 37.42 2.23 -33.65
C MET C 130 36.58 3.05 -32.68
N LYS C 131 36.17 4.25 -33.06
CA LYS C 131 35.38 5.09 -32.15
C LYS C 131 34.23 4.36 -31.49
N PRO C 132 33.32 3.69 -32.20
CA PRO C 132 32.28 2.89 -31.53
C PRO C 132 32.80 1.90 -30.50
N MET C 133 33.95 1.28 -30.72
CA MET C 133 34.46 0.29 -29.78
C MET C 133 35.08 0.93 -28.55
N ILE C 134 35.66 2.12 -28.68
CA ILE C 134 36.12 2.85 -27.51
C ILE C 134 34.95 3.24 -26.62
N ALA C 135 33.89 3.77 -27.23
CA ALA C 135 32.69 4.12 -26.48
C ALA C 135 32.16 2.94 -25.68
N GLU C 136 31.99 1.79 -26.33
CA GLU C 136 31.59 0.58 -25.59
C GLU C 136 32.54 0.24 -24.45
N ALA C 137 33.84 0.42 -24.64
CA ALA C 137 34.79 0.10 -23.57
C ALA C 137 34.58 0.97 -22.34
N PHE C 138 34.17 2.21 -22.53
CA PHE C 138 33.87 3.10 -21.41
C PHE C 138 32.62 2.67 -20.65
N TYR C 139 31.53 2.44 -21.37
CA TYR C 139 30.29 2.00 -20.73
C TYR C 139 30.51 0.73 -19.90
N LYS C 140 31.22 -0.24 -20.44
CA LYS C 140 31.52 -1.46 -19.69
C LYS C 140 32.46 -1.23 -18.51
N LYS C 141 33.23 -0.13 -18.52
CA LYS C 141 34.02 0.23 -17.36
C LYS C 141 33.18 0.93 -16.31
N PHE C 142 32.27 1.79 -16.76
CA PHE C 142 31.36 2.50 -15.87
C PHE C 142 30.40 1.54 -15.17
N ASP C 143 29.74 0.66 -15.93
CA ASP C 143 28.83 -0.31 -15.35
C ASP C 143 29.51 -1.23 -14.34
N GLU C 144 30.66 -1.79 -14.71
CA GLU C 144 31.36 -2.71 -13.83
C GLU C 144 31.89 -2.03 -12.58
N ALA C 145 31.98 -0.71 -12.57
CA ALA C 145 32.34 0.04 -11.37
C ALA C 145 31.12 0.39 -10.53
N GLY C 146 29.99 0.71 -11.15
CA GLY C 146 28.84 1.17 -10.42
C GLY C 146 27.79 0.13 -10.08
N ILE C 147 27.62 -0.90 -10.91
CA ILE C 147 26.75 -2.01 -10.55
C ILE C 147 27.51 -2.93 -9.61
N LEU C 148 28.55 -3.57 -10.11
CA LEU C 148 29.43 -4.37 -9.29
C LEU C 148 30.38 -3.44 -8.54
N ASN C 149 31.45 -3.97 -7.98
CA ASN C 149 32.50 -3.16 -7.35
C ASN C 149 33.86 -3.54 -7.91
N GLN C 150 33.98 -3.44 -9.24
CA GLN C 150 35.03 -4.11 -9.99
C GLN C 150 35.66 -3.12 -10.96
N GLY C 151 36.77 -3.54 -11.58
CA GLY C 151 37.52 -2.66 -12.45
C GLY C 151 38.21 -1.54 -11.72
N ASN C 152 38.63 -1.79 -10.49
CA ASN C 152 39.28 -0.81 -9.62
C ASN C 152 38.44 0.47 -9.50
N ASN C 153 37.21 0.26 -9.04
CA ASN C 153 36.18 1.29 -8.94
C ASN C 153 36.69 2.54 -8.24
N PRO C 154 36.51 3.74 -8.83
CA PRO C 154 37.01 4.97 -8.19
C PRO C 154 36.05 5.59 -7.20
N PHE C 155 34.76 5.39 -7.43
CA PHE C 155 33.73 6.07 -6.64
C PHE C 155 33.74 5.60 -5.19
N GLY C 156 33.07 6.37 -4.35
CA GLY C 156 32.87 5.93 -2.98
C GLY C 156 32.04 4.66 -2.87
N LYS C 157 30.94 4.58 -3.62
CA LYS C 157 30.04 3.45 -3.45
C LYS C 157 29.37 3.06 -4.76
N SER C 158 28.92 1.79 -4.76
CA SER C 158 28.24 1.14 -5.88
C SER C 158 27.11 0.29 -5.30
N ILE C 159 26.31 -0.35 -6.16
CA ILE C 159 25.26 -1.23 -5.66
C ILE C 159 25.84 -2.35 -4.81
N ALA C 160 26.83 -3.07 -5.34
CA ALA C 160 27.40 -4.17 -4.56
C ALA C 160 28.03 -3.71 -3.25
N GLN C 161 28.46 -2.44 -3.17
CA GLN C 161 28.88 -1.88 -1.89
C GLN C 161 27.69 -1.75 -0.93
N SER C 162 26.58 -1.21 -1.43
CA SER C 162 25.41 -0.97 -0.61
C SER C 162 24.77 -2.26 -0.12
N ILE C 163 24.77 -3.30 -0.94
CA ILE C 163 24.21 -4.59 -0.55
C ILE C 163 25.04 -5.25 0.55
N GLU C 164 26.36 -5.13 0.48
CA GLU C 164 27.17 -5.66 1.58
C GLU C 164 26.95 -4.86 2.86
N LYS C 165 26.82 -3.54 2.75
CA LYS C 165 26.63 -2.72 3.95
C LYS C 165 25.28 -2.93 4.60
N THR C 166 24.19 -2.94 3.82
CA THR C 166 22.86 -3.19 4.37
C THR C 166 22.53 -4.68 4.48
N ASN C 167 23.39 -5.57 3.95
CA ASN C 167 23.26 -7.02 4.07
C ASN C 167 21.92 -7.59 3.59
N LYS C 168 21.29 -6.95 2.61
CA LYS C 168 20.06 -7.45 1.99
C LYS C 168 20.37 -8.54 0.95
N VAL C 169 20.85 -9.69 1.43
CA VAL C 169 21.22 -10.81 0.57
C VAL C 169 20.54 -12.11 0.99
N ILE C 170 20.11 -12.90 -0.01
CA ILE C 170 19.51 -14.23 0.16
C ILE C 170 20.53 -15.28 -0.27
N LYS C 171 20.78 -16.27 0.59
CA LYS C 171 21.44 -17.51 0.17
C LYS C 171 20.39 -18.51 -0.29
N GLY C 172 20.45 -18.94 -1.54
CA GLY C 172 19.50 -19.96 -2.00
C GLY C 172 19.56 -20.20 -3.49
N ASP C 173 18.83 -21.23 -3.91
CA ASP C 173 18.58 -21.54 -5.31
C ASP C 173 17.49 -20.65 -5.88
N PHE C 174 17.34 -20.67 -7.20
CA PHE C 174 16.24 -19.95 -7.83
C PHE C 174 14.93 -20.71 -7.61
N THR C 175 14.01 -20.12 -6.85
CA THR C 175 12.70 -20.69 -6.60
C THR C 175 11.69 -19.55 -6.58
N GLN C 176 10.41 -19.87 -6.78
CA GLN C 176 9.41 -18.82 -6.71
C GLN C 176 9.42 -18.12 -5.35
N ASP C 177 9.62 -18.90 -4.28
CA ASP C 177 9.74 -18.31 -2.95
C ASP C 177 10.93 -17.35 -2.83
N ASN C 178 12.10 -17.78 -3.30
CA ASN C 178 13.26 -16.89 -3.24
C ASN C 178 13.13 -15.67 -4.13
N ILE C 179 12.53 -15.81 -5.32
CA ILE C 179 12.31 -14.62 -6.14
C ILE C 179 11.31 -13.67 -5.49
N ILE C 180 10.31 -14.19 -4.78
CA ILE C 180 9.39 -13.30 -4.07
C ILE C 180 10.02 -12.74 -2.80
N ASP C 181 10.77 -13.55 -2.05
CA ASP C 181 11.48 -13.01 -0.89
C ASP C 181 12.48 -11.93 -1.26
N LEU C 182 13.15 -12.09 -2.40
CA LEU C 182 14.11 -11.09 -2.84
C LEU C 182 13.46 -9.74 -3.09
N GLU C 183 12.21 -9.71 -3.55
CA GLU C 183 11.48 -8.45 -3.63
C GLU C 183 10.96 -8.00 -2.27
N ALA C 184 10.54 -8.93 -1.42
CA ALA C 184 10.09 -8.58 -0.08
C ALA C 184 11.17 -7.88 0.74
N LEU C 185 12.44 -8.17 0.46
CA LEU C 185 13.55 -7.44 1.08
C LEU C 185 13.57 -5.95 0.77
N LEU C 186 12.87 -5.49 -0.26
CA LEU C 186 12.66 -4.06 -0.44
C LEU C 186 11.41 -3.55 0.26
N GLU C 187 10.33 -4.34 0.24
CA GLU C 187 9.11 -3.95 0.92
C GLU C 187 9.33 -3.80 2.42
N ASP C 188 10.33 -4.50 2.97
CA ASP C 188 10.82 -4.23 4.32
C ASP C 188 10.97 -2.75 4.62
N ASP C 189 11.34 -1.96 3.61
CA ASP C 189 11.71 -0.57 3.81
C ASP C 189 10.88 0.37 2.94
N GLU C 190 9.67 -0.07 2.59
CA GLU C 190 8.69 0.74 1.85
C GLU C 190 9.21 1.17 0.47
N LEU C 191 10.04 0.34 -0.14
CA LEU C 191 10.52 0.53 -1.49
C LEU C 191 9.97 -0.59 -2.37
N GLU C 192 9.68 -0.27 -3.63
CA GLU C 192 9.13 -1.21 -4.58
C GLU C 192 10.17 -1.52 -5.65
N ALA C 193 10.40 -2.82 -5.89
CA ALA C 193 11.34 -3.24 -6.91
C ALA C 193 10.93 -2.74 -8.29
N ASN C 194 11.93 -2.47 -9.11
CA ASN C 194 11.78 -1.74 -10.37
C ASN C 194 12.24 -2.56 -11.57
N ALA C 195 13.30 -3.35 -11.39
CA ALA C 195 13.85 -4.20 -12.44
C ALA C 195 14.72 -5.26 -11.79
N PHE C 196 15.20 -6.20 -12.60
CA PHE C 196 16.26 -7.12 -12.20
C PHE C 196 17.49 -6.92 -13.07
N ILE C 197 18.66 -7.15 -12.49
CA ILE C 197 19.92 -7.26 -13.21
C ILE C 197 20.38 -8.71 -13.14
N SER C 198 20.72 -9.29 -14.29
CA SER C 198 20.98 -10.72 -14.36
C SER C 198 22.16 -11.01 -15.28
N LYS C 199 22.80 -12.16 -15.02
CA LYS C 199 23.65 -12.82 -16.01
C LYS C 199 22.75 -13.44 -17.08
N THR C 200 23.17 -13.40 -18.35
CA THR C 200 22.35 -14.06 -19.37
C THR C 200 22.34 -15.58 -19.22
N GLN C 201 23.44 -16.19 -18.78
CA GLN C 201 23.47 -17.60 -18.42
C GLN C 201 22.62 -17.95 -17.20
N ASN C 202 21.81 -17.06 -16.63
CA ASN C 202 20.78 -17.47 -15.67
C ASN C 202 19.54 -18.04 -16.34
N ARG C 203 19.35 -17.81 -17.64
CA ARG C 203 18.08 -18.16 -18.29
C ARG C 203 17.76 -19.65 -18.19
N SER C 204 18.78 -20.50 -18.15
CA SER C 204 18.56 -21.92 -17.84
C SER C 204 17.90 -22.14 -16.48
N LEU C 205 18.27 -21.34 -15.48
CA LEU C 205 17.64 -21.42 -14.17
C LEU C 205 16.27 -20.75 -14.12
N LEU C 206 16.16 -19.57 -14.72
CA LEU C 206 14.91 -18.81 -14.66
C LEU C 206 13.75 -19.51 -15.34
N ARG C 207 13.99 -20.25 -16.41
CA ARG C 207 12.90 -20.86 -17.15
C ARG C 207 12.29 -22.09 -16.47
N LYS C 208 13.02 -22.76 -15.58
CA LYS C 208 12.49 -23.91 -14.83
C LYS C 208 11.90 -23.55 -13.46
N ILE C 209 11.46 -22.30 -13.26
CA ILE C 209 10.73 -21.92 -12.04
C ILE C 209 9.23 -21.99 -12.34
N VAL C 210 8.50 -22.80 -11.57
CA VAL C 210 7.08 -23.08 -11.79
C VAL C 210 6.31 -22.95 -10.48
N ASP C 211 5.13 -22.36 -10.55
CA ASP C 211 4.19 -22.37 -9.42
C ASP C 211 3.52 -23.73 -9.27
N PRO C 212 3.72 -24.44 -8.15
CA PRO C 212 3.23 -25.83 -8.09
C PRO C 212 1.71 -25.96 -8.16
N GLU C 213 0.94 -25.00 -7.66
CA GLU C 213 -0.51 -25.08 -7.77
C GLU C 213 -0.98 -24.79 -9.19
N THR C 214 -0.69 -23.60 -9.69
CA THR C 214 -1.27 -23.17 -10.95
C THR C 214 -0.39 -23.55 -12.14
N LYS C 215 0.87 -23.93 -11.89
CA LYS C 215 1.85 -24.25 -12.92
C LYS C 215 2.12 -23.09 -13.88
N GLU C 216 1.78 -21.88 -13.44
CA GLU C 216 2.28 -20.65 -14.03
C GLU C 216 3.81 -20.59 -13.94
N ARG C 217 4.44 -20.04 -14.98
CA ARG C 217 5.88 -19.77 -14.96
C ARG C 217 6.12 -18.26 -14.90
N ILE C 218 7.01 -17.84 -13.98
CA ILE C 218 7.25 -16.42 -13.73
C ILE C 218 8.17 -15.74 -14.75
N TYR C 219 9.01 -16.48 -15.46
CA TYR C 219 9.92 -15.89 -16.45
C TYR C 219 9.27 -15.93 -17.83
N ASP C 220 8.85 -14.78 -18.32
CA ASP C 220 8.24 -14.69 -19.65
C ASP C 220 9.33 -14.73 -20.73
N ARG C 221 9.55 -15.92 -21.26
CA ARG C 221 10.48 -16.16 -22.37
C ARG C 221 10.32 -15.15 -23.50
N ASN C 222 9.09 -14.68 -23.74
CA ASN C 222 8.80 -13.78 -24.85
C ASN C 222 9.25 -12.34 -24.62
N SER C 223 9.65 -11.98 -23.39
CA SER C 223 9.80 -10.57 -23.06
C SER C 223 10.95 -10.32 -22.09
N ASP C 224 11.77 -11.32 -21.81
CA ASP C 224 12.87 -11.23 -20.85
C ASP C 224 12.44 -10.53 -19.57
N SER C 225 11.30 -10.94 -19.03
CA SER C 225 10.65 -10.26 -17.92
C SER C 225 10.35 -11.27 -16.83
N LEU C 226 10.74 -10.96 -15.61
CA LEU C 226 10.60 -11.87 -14.47
C LEU C 226 9.59 -11.28 -13.51
N ASP C 227 8.56 -12.05 -13.18
CA ASP C 227 7.49 -11.59 -12.30
C ASP C 227 6.85 -10.30 -12.82
N GLY C 228 6.91 -10.07 -14.13
CA GLY C 228 6.41 -8.84 -14.74
C GLY C 228 7.34 -7.65 -14.69
N LEU C 229 8.53 -7.78 -14.10
CA LEU C 229 9.55 -6.74 -14.10
C LEU C 229 10.59 -7.00 -15.19
N PRO C 230 11.05 -5.97 -15.90
CA PRO C 230 12.16 -6.16 -16.83
C PRO C 230 13.38 -6.78 -16.18
N VAL C 231 14.02 -7.71 -16.89
CA VAL C 231 15.38 -8.15 -16.59
C VAL C 231 16.34 -7.47 -17.55
N VAL C 232 17.46 -7.00 -17.02
CA VAL C 232 18.57 -6.44 -17.79
C VAL C 232 19.79 -7.33 -17.60
N ASN C 233 20.51 -7.59 -18.70
CA ASN C 233 21.62 -8.54 -18.68
C ASN C 233 22.96 -7.82 -18.64
N LEU C 234 23.78 -8.13 -17.63
CA LEU C 234 25.20 -7.83 -17.70
C LEU C 234 25.92 -8.88 -18.53
N LYS C 235 26.86 -8.43 -19.35
CA LYS C 235 27.78 -9.30 -20.07
C LYS C 235 29.19 -9.08 -19.53
N SER C 236 29.44 -9.63 -18.34
CA SER C 236 30.74 -9.54 -17.68
C SER C 236 31.00 -10.84 -16.94
N SER C 237 32.28 -11.13 -16.70
CA SER C 237 32.68 -12.35 -16.02
C SER C 237 32.46 -12.31 -14.51
N ASN C 238 32.27 -11.13 -13.94
CA ASN C 238 32.28 -10.98 -12.49
C ASN C 238 30.97 -11.39 -11.82
N LEU C 239 29.83 -11.21 -12.48
CA LEU C 239 28.54 -11.67 -11.97
C LEU C 239 28.35 -13.15 -12.29
N LYS C 240 28.33 -14.00 -11.25
CA LYS C 240 28.35 -15.46 -11.40
C LYS C 240 27.01 -16.03 -11.87
N ARG C 241 27.10 -17.27 -12.36
CA ARG C 241 25.97 -18.09 -12.83
C ARG C 241 24.86 -18.29 -11.80
N GLY C 242 25.12 -18.08 -10.51
CA GLY C 242 24.09 -18.25 -9.50
C GLY C 242 23.44 -17.00 -8.95
N GLU C 243 23.76 -15.82 -9.46
CA GLU C 243 23.49 -14.56 -8.77
C GLU C 243 22.50 -13.69 -9.53
N LEU C 244 21.65 -12.99 -8.77
CA LEU C 244 20.61 -12.11 -9.31
C LEU C 244 20.49 -10.88 -8.41
N ILE C 245 20.20 -9.73 -9.02
CA ILE C 245 20.14 -8.45 -8.30
C ILE C 245 18.81 -7.74 -8.57
N THR C 246 18.24 -7.16 -7.52
CA THR C 246 16.97 -6.44 -7.55
C THR C 246 17.14 -5.06 -6.92
N GLY C 247 16.41 -4.07 -7.43
CA GLY C 247 16.38 -2.80 -6.73
C GLY C 247 15.30 -1.87 -7.24
N ASP C 248 15.21 -0.70 -6.61
CA ASP C 248 14.58 0.48 -7.22
C ASP C 248 15.64 1.35 -7.89
N PHE C 249 15.75 1.26 -9.21
CA PHE C 249 16.80 1.94 -9.94
C PHE C 249 16.56 3.43 -10.16
N ASP C 250 15.43 3.99 -9.74
CA ASP C 250 15.37 5.44 -9.62
C ASP C 250 16.27 5.98 -8.52
N LYS C 251 16.82 5.12 -7.68
CA LYS C 251 17.83 5.52 -6.70
C LYS C 251 19.26 5.44 -7.22
N LEU C 252 19.51 4.86 -8.40
CA LEU C 252 20.76 5.13 -9.12
C LEU C 252 20.66 6.49 -9.80
N ILE C 253 21.59 7.37 -9.49
CA ILE C 253 21.71 8.66 -10.18
C ILE C 253 23.05 8.68 -10.90
N TYR C 254 23.02 9.01 -12.19
CA TYR C 254 24.23 9.16 -12.98
C TYR C 254 24.27 10.53 -13.64
N GLY C 255 25.47 11.07 -13.77
CA GLY C 255 25.69 12.36 -14.40
C GLY C 255 26.88 12.30 -15.31
N ILE C 256 26.89 13.18 -16.30
CA ILE C 256 27.96 13.20 -17.31
C ILE C 256 28.36 14.63 -17.63
N PRO C 257 29.39 15.16 -16.95
CA PRO C 257 29.87 16.51 -17.29
C PRO C 257 30.42 16.64 -18.71
N GLN C 258 31.09 15.61 -19.20
CA GLN C 258 31.76 15.65 -20.50
C GLN C 258 31.53 14.34 -21.25
N LEU C 259 30.81 14.43 -22.35
CA LEU C 259 30.64 13.32 -23.28
C LEU C 259 32.00 12.95 -23.88
N ILE C 260 32.02 11.85 -24.65
CA ILE C 260 33.30 11.37 -25.17
C ILE C 260 33.89 12.38 -26.15
N GLU C 261 35.08 12.88 -25.84
CA GLU C 261 35.85 13.75 -26.72
C GLU C 261 37.08 13.03 -27.25
N TYR C 262 37.34 13.22 -28.55
CA TYR C 262 38.46 12.60 -29.24
C TYR C 262 39.47 13.65 -29.68
N LYS C 263 40.75 13.33 -29.53
CA LYS C 263 41.82 14.11 -30.17
C LYS C 263 42.78 13.16 -30.87
N ILE C 264 43.17 13.50 -32.10
CA ILE C 264 44.22 12.80 -32.84
C ILE C 264 45.48 13.65 -32.76
N ASP C 265 46.60 13.02 -32.40
CA ASP C 265 47.87 13.72 -32.28
C ASP C 265 49.00 13.06 -33.05
N GLU C 266 49.87 13.90 -33.61
CA GLU C 266 50.93 13.48 -34.51
C GLU C 266 52.30 13.88 -34.00
N THR C 267 52.41 14.34 -32.75
CA THR C 267 53.62 15.01 -32.27
C THR C 267 53.96 14.70 -30.82
N ALA C 268 53.00 14.31 -29.98
CA ALA C 268 53.24 14.04 -28.56
C ALA C 268 54.24 12.91 -28.34
N GLN C 269 54.57 12.69 -27.06
CA GLN C 269 55.32 11.54 -26.58
C GLN C 269 54.42 10.63 -25.76
N LEU C 270 54.50 9.33 -26.00
CA LEU C 270 53.75 8.33 -25.22
C LEU C 270 54.66 7.64 -24.19
N SER C 271 54.86 8.33 -23.07
CA SER C 271 55.78 7.86 -22.03
C SER C 271 55.49 6.46 -21.55
N THR C 272 54.24 6.00 -21.64
CA THR C 272 53.84 4.68 -21.19
C THR C 272 54.20 3.54 -22.14
N VAL C 273 54.60 3.82 -23.38
CA VAL C 273 55.05 2.81 -24.32
C VAL C 273 56.55 2.97 -24.53
N LYS C 274 57.31 1.90 -24.31
CA LYS C 274 58.76 1.93 -24.45
C LYS C 274 59.21 1.30 -25.76
N ASN C 275 60.22 1.90 -26.39
CA ASN C 275 60.97 1.26 -27.45
C ASN C 275 61.83 0.11 -26.91
N GLU C 276 62.36 -0.69 -27.84
CA GLU C 276 63.22 -1.81 -27.47
C GLU C 276 64.47 -1.37 -26.73
N ASP C 277 64.93 -0.14 -26.93
CA ASP C 277 66.05 0.40 -26.18
C ASP C 277 65.63 1.01 -24.85
N GLY C 278 64.36 0.91 -24.48
CA GLY C 278 63.84 1.40 -23.22
C GLY C 278 63.43 2.86 -23.18
N THR C 279 63.68 3.63 -24.23
CA THR C 279 63.22 5.02 -24.27
C THR C 279 61.74 5.10 -24.64
N PRO C 280 61.06 6.19 -24.28
CA PRO C 280 59.65 6.35 -24.64
C PRO C 280 59.43 6.74 -26.09
N VAL C 281 58.25 6.37 -26.59
CA VAL C 281 57.85 6.62 -27.98
C VAL C 281 57.60 8.09 -28.22
N ASN C 282 58.28 8.66 -29.22
CA ASN C 282 57.99 10.00 -29.73
C ASN C 282 57.26 9.88 -31.08
N LEU C 283 56.08 10.46 -31.18
CA LEU C 283 55.26 10.30 -32.38
C LEU C 283 55.83 11.00 -33.60
N PHE C 284 56.70 12.00 -33.42
CA PHE C 284 57.30 12.72 -34.54
C PHE C 284 58.57 12.05 -35.07
N GLU C 285 59.53 11.73 -34.19
CA GLU C 285 60.73 11.05 -34.64
C GLU C 285 60.40 9.72 -35.31
N GLN C 286 59.39 9.01 -34.80
CA GLN C 286 59.12 7.65 -35.21
C GLN C 286 57.92 7.56 -36.15
N ASP C 287 57.39 8.70 -36.58
CA ASP C 287 56.40 8.78 -37.65
C ASP C 287 55.14 7.95 -37.35
N MET C 288 54.42 8.40 -36.33
CA MET C 288 53.27 7.68 -35.80
C MET C 288 52.08 8.63 -35.61
N VAL C 289 50.94 8.04 -35.23
CA VAL C 289 49.73 8.78 -34.90
C VAL C 289 49.14 8.15 -33.64
N ALA C 290 48.42 8.94 -32.85
CA ALA C 290 47.66 8.38 -31.74
C ALA C 290 46.30 9.04 -31.60
N LEU C 291 45.30 8.25 -31.19
CA LEU C 291 43.97 8.73 -30.84
C LEU C 291 43.81 8.69 -29.32
N ARG C 292 43.45 9.83 -28.72
CA ARG C 292 43.09 9.93 -27.31
C ARG C 292 41.59 10.14 -27.17
N ALA C 293 40.94 9.32 -26.33
CA ALA C 293 39.57 9.54 -25.93
C ALA C 293 39.47 9.74 -24.43
N THR C 294 38.59 10.64 -23.99
CA THR C 294 38.32 10.85 -22.56
C THR C 294 36.85 11.18 -22.34
N MET C 295 36.35 10.81 -21.16
CA MET C 295 34.98 11.04 -20.76
C MET C 295 34.93 11.25 -19.25
N HIS C 296 34.06 12.15 -18.78
CA HIS C 296 33.79 12.32 -17.35
C HIS C 296 32.40 11.79 -17.01
N VAL C 297 32.32 10.93 -15.99
CA VAL C 297 31.07 10.32 -15.56
C VAL C 297 30.96 10.37 -14.04
N ALA C 298 29.74 10.57 -13.55
CA ALA C 298 29.46 10.67 -12.12
C ALA C 298 28.40 9.66 -11.70
N LEU C 299 28.56 9.10 -10.51
CA LEU C 299 27.64 8.11 -9.95
C LEU C 299 27.24 8.52 -8.55
N HIS C 300 25.96 8.36 -8.23
CA HIS C 300 25.50 8.52 -6.86
C HIS C 300 24.36 7.55 -6.60
N ILE C 301 24.20 7.14 -5.34
CA ILE C 301 23.14 6.20 -4.94
C ILE C 301 22.31 6.84 -3.84
N ALA C 302 21.05 7.15 -4.15
CA ALA C 302 20.22 8.01 -3.32
C ALA C 302 19.64 7.31 -2.09
N ASP C 303 19.63 5.98 -2.05
CA ASP C 303 19.28 5.27 -0.82
C ASP C 303 19.93 3.88 -0.84
N ASP C 304 20.79 3.62 0.14
CA ASP C 304 21.53 2.36 0.17
C ASP C 304 20.65 1.14 0.42
N LYS C 305 19.45 1.31 0.96
CA LYS C 305 18.56 0.19 1.23
C LYS C 305 17.76 -0.26 0.02
N ALA C 306 17.92 0.38 -1.13
CA ALA C 306 17.08 0.16 -2.29
C ALA C 306 17.45 -1.07 -3.12
N PHE C 307 18.45 -1.86 -2.73
CA PHE C 307 18.95 -2.96 -3.56
C PHE C 307 19.10 -4.23 -2.75
N ALA C 308 18.91 -5.38 -3.41
CA ALA C 308 19.03 -6.68 -2.77
C ALA C 308 19.53 -7.71 -3.77
N LYS C 309 20.14 -8.79 -3.24
CA LYS C 309 20.83 -9.78 -4.06
C LYS C 309 20.50 -11.20 -3.64
N LEU C 310 20.41 -12.10 -4.62
CA LEU C 310 20.31 -13.54 -4.41
C LEU C 310 21.62 -14.24 -4.78
N VAL C 311 22.06 -15.16 -3.94
CA VAL C 311 23.39 -15.76 -4.02
C VAL C 311 23.32 -17.28 -3.84
N PRO C 312 24.09 -18.07 -4.59
CA PRO C 312 24.03 -19.53 -4.42
C PRO C 312 24.57 -19.97 -3.07
N ALA C 313 23.93 -20.99 -2.49
CA ALA C 313 24.20 -21.43 -1.12
C ALA C 313 25.59 -22.03 -0.95
N SER D 16 38.79 -65.91 -74.90
CA SER D 16 38.32 -67.27 -75.27
C SER D 16 36.83 -67.23 -75.63
N ASN D 17 36.28 -68.37 -76.03
CA ASN D 17 34.90 -68.49 -76.46
C ASN D 17 33.90 -68.84 -75.34
N ASN D 18 34.28 -68.75 -74.07
CA ASN D 18 33.34 -69.05 -72.98
C ASN D 18 32.20 -68.03 -72.94
N VAL D 19 30.96 -68.54 -72.96
CA VAL D 19 29.78 -67.69 -73.10
C VAL D 19 29.06 -67.38 -71.78
N LYS D 20 29.48 -67.97 -70.67
CA LYS D 20 28.83 -67.68 -69.40
C LYS D 20 29.02 -66.21 -69.00
N PRO D 21 28.02 -65.58 -68.38
CA PRO D 21 28.14 -64.17 -68.00
C PRO D 21 29.34 -63.89 -67.11
N GLN D 22 29.82 -62.65 -67.21
CA GLN D 22 30.94 -62.18 -66.40
C GLN D 22 30.55 -62.00 -64.94
N VAL D 23 31.33 -62.59 -64.03
CA VAL D 23 31.32 -62.20 -62.62
C VAL D 23 32.16 -60.95 -62.44
N PHE D 24 31.63 -59.95 -61.73
CA PHE D 24 32.36 -58.74 -61.40
C PHE D 24 32.56 -58.63 -59.90
N ASN D 25 33.63 -57.94 -59.51
CA ASN D 25 33.96 -57.75 -58.09
C ASN D 25 34.40 -56.31 -57.83
N PRO D 26 33.60 -55.49 -57.11
CA PRO D 26 32.28 -55.77 -56.54
C PRO D 26 31.22 -55.96 -57.59
N ASP D 27 30.16 -56.67 -57.23
CA ASP D 27 29.09 -57.03 -58.15
C ASP D 27 28.15 -55.86 -58.41
N ASN D 28 28.69 -54.68 -58.68
CA ASN D 28 27.89 -53.48 -58.86
C ASN D 28 27.41 -53.26 -60.31
N VAL D 29 27.90 -54.05 -61.26
CA VAL D 29 27.46 -53.92 -62.65
C VAL D 29 26.06 -54.47 -62.81
N MET D 30 25.17 -53.70 -63.44
CA MET D 30 23.87 -54.19 -63.85
C MET D 30 24.00 -55.15 -65.03
N MET D 31 23.31 -56.29 -64.97
CA MET D 31 23.39 -57.31 -66.01
C MET D 31 21.99 -57.76 -66.42
N HIS D 32 21.84 -58.05 -67.70
CA HIS D 32 20.61 -58.65 -68.24
C HIS D 32 20.48 -60.11 -67.86
N GLU D 33 21.59 -60.84 -67.79
CA GLU D 33 21.60 -62.28 -67.55
C GLU D 33 22.14 -62.56 -66.15
N LYS D 34 21.33 -63.22 -65.32
CA LYS D 34 21.75 -63.59 -63.98
C LYS D 34 22.79 -64.73 -64.01
N LYS D 35 23.40 -64.96 -62.84
CA LYS D 35 24.40 -66.02 -62.68
C LYS D 35 23.86 -67.41 -63.01
N ASP D 36 22.57 -67.65 -62.82
CA ASP D 36 21.97 -68.95 -63.14
C ASP D 36 21.46 -69.06 -64.58
N GLY D 37 21.67 -68.03 -65.40
CA GLY D 37 21.21 -68.04 -66.79
C GLY D 37 19.79 -67.54 -67.01
N THR D 38 19.12 -67.05 -65.98
CA THR D 38 17.85 -66.35 -66.16
C THR D 38 18.07 -65.02 -66.89
N LEU D 39 17.16 -64.68 -67.81
CA LEU D 39 17.24 -63.46 -68.59
C LEU D 39 16.04 -62.56 -68.25
N MET D 40 16.31 -61.32 -67.83
CA MET D 40 15.26 -60.31 -67.62
C MET D 40 14.82 -59.67 -68.94
N ASN D 41 14.17 -60.48 -69.76
CA ASN D 41 13.35 -59.94 -70.85
C ASN D 41 11.96 -59.53 -70.37
N GLU D 42 11.38 -58.56 -71.07
CA GLU D 42 10.01 -58.08 -70.81
C GLU D 42 9.84 -57.54 -69.39
N PHE D 43 10.95 -57.16 -68.76
CA PHE D 43 10.94 -56.62 -67.40
C PHE D 43 10.17 -55.31 -67.32
N THR D 44 9.12 -55.28 -66.50
CA THR D 44 8.33 -54.06 -66.28
C THR D 44 9.06 -53.08 -65.38
N THR D 45 8.99 -51.80 -65.74
CA THR D 45 9.71 -50.76 -65.04
C THR D 45 9.25 -50.61 -63.58
N PRO D 46 10.16 -50.50 -62.62
CA PRO D 46 9.77 -50.23 -61.22
C PRO D 46 8.94 -48.96 -61.06
N ILE D 47 8.42 -48.81 -59.84
CA ILE D 47 7.60 -47.66 -59.46
C ILE D 47 8.05 -47.15 -58.09
N LEU D 48 7.82 -45.86 -57.84
CA LEU D 48 8.29 -45.16 -56.64
C LEU D 48 7.41 -45.44 -55.43
N GLN D 49 7.83 -46.43 -54.63
CA GLN D 49 7.11 -46.81 -53.42
C GLN D 49 7.25 -45.77 -52.30
N GLU D 50 8.30 -44.95 -52.31
CA GLU D 50 8.49 -43.84 -51.38
C GLU D 50 8.70 -42.53 -52.15
N VAL D 51 8.32 -41.41 -51.52
CA VAL D 51 8.67 -40.09 -52.05
C VAL D 51 10.17 -39.82 -51.92
N MET D 52 10.70 -39.07 -52.89
CA MET D 52 12.12 -38.74 -52.96
C MET D 52 12.57 -37.82 -51.83
N GLU D 53 13.66 -38.19 -51.15
CA GLU D 53 14.20 -37.41 -50.04
C GLU D 53 15.03 -36.21 -50.52
N ASN D 54 15.11 -35.18 -49.66
CA ASN D 54 15.76 -33.91 -49.93
C ASN D 54 16.79 -33.58 -48.86
N SER D 55 17.81 -32.80 -49.21
CA SER D 55 18.84 -32.42 -48.23
C SER D 55 18.25 -31.55 -47.13
N LYS D 56 18.45 -31.95 -45.88
CA LYS D 56 18.02 -31.14 -44.74
C LYS D 56 18.93 -29.97 -44.43
N ILE D 57 20.26 -30.10 -44.58
CA ILE D 57 21.11 -28.93 -44.33
C ILE D 57 21.02 -27.90 -45.44
N MET D 58 20.60 -28.27 -46.65
CA MET D 58 20.20 -27.24 -47.60
C MET D 58 18.83 -26.66 -47.29
N GLN D 59 18.02 -27.35 -46.49
CA GLN D 59 16.71 -26.84 -46.11
C GLN D 59 16.82 -25.91 -44.90
N LEU D 60 17.57 -26.34 -43.89
CA LEU D 60 17.78 -25.55 -42.68
C LEU D 60 18.81 -24.44 -42.89
N GLY D 61 20.01 -24.79 -43.34
CA GLY D 61 21.16 -23.90 -43.25
C GLY D 61 21.11 -22.72 -44.20
N LYS D 62 22.08 -21.81 -44.02
CA LYS D 62 22.20 -20.59 -44.82
C LYS D 62 23.16 -20.78 -45.98
N TYR D 63 22.69 -20.45 -47.19
CA TYR D 63 23.52 -20.50 -48.39
C TYR D 63 24.55 -19.38 -48.42
N GLU D 64 25.76 -19.70 -48.90
CA GLU D 64 26.85 -18.73 -49.04
C GLU D 64 27.38 -18.68 -50.47
N PRO D 65 27.17 -17.58 -51.21
CA PRO D 65 27.80 -17.45 -52.53
C PRO D 65 29.32 -17.58 -52.44
N MET D 66 29.86 -18.53 -53.21
CA MET D 66 31.24 -18.97 -53.06
C MET D 66 31.88 -19.11 -54.43
N GLU D 67 33.11 -18.61 -54.56
CA GLU D 67 33.90 -18.74 -55.78
C GLU D 67 35.07 -19.66 -55.51
N GLY D 68 35.19 -20.70 -56.30
CA GLY D 68 36.23 -21.67 -56.08
C GLY D 68 35.98 -22.46 -54.81
N THR D 69 36.98 -23.24 -54.45
CA THR D 69 36.90 -24.23 -53.41
C THR D 69 37.17 -23.72 -52.00
N GLU D 70 37.31 -22.41 -51.78
CA GLU D 70 37.60 -21.93 -50.42
C GLU D 70 37.08 -20.51 -50.24
N LYS D 71 36.67 -20.20 -49.01
CA LYS D 71 36.23 -18.86 -48.62
C LYS D 71 36.74 -18.53 -47.22
N LYS D 72 37.04 -17.24 -46.98
CA LYS D 72 37.67 -16.81 -45.73
C LYS D 72 36.91 -15.64 -45.10
N PHE D 73 36.94 -15.60 -43.76
CA PHE D 73 36.22 -14.63 -42.95
C PHE D 73 37.15 -13.99 -41.93
N THR D 74 37.01 -12.68 -41.70
CA THR D 74 37.84 -11.92 -40.77
C THR D 74 36.96 -11.26 -39.72
N PHE D 75 37.27 -11.51 -38.44
CA PHE D 75 36.43 -11.05 -37.33
C PHE D 75 37.27 -10.35 -36.27
N TRP D 76 36.68 -9.34 -35.62
CA TRP D 76 37.28 -8.75 -34.42
C TRP D 76 37.36 -9.76 -33.28
N ALA D 77 38.40 -9.61 -32.45
CA ALA D 77 38.57 -10.44 -31.26
C ALA D 77 38.69 -9.55 -30.02
N ASP D 78 39.90 -9.29 -29.53
CA ASP D 78 40.08 -8.38 -28.41
C ASP D 78 39.64 -6.95 -28.74
N LYS D 79 39.10 -6.28 -27.72
CA LYS D 79 38.62 -4.91 -27.82
C LYS D 79 39.39 -3.99 -26.86
N PRO D 80 39.51 -2.71 -27.18
CA PRO D 80 40.34 -1.82 -26.37
C PRO D 80 39.82 -1.67 -24.94
N GLY D 81 40.76 -1.51 -24.00
CA GLY D 81 40.42 -1.30 -22.61
C GLY D 81 40.02 0.13 -22.32
N ALA D 82 39.90 0.44 -21.03
CA ALA D 82 39.76 1.81 -20.56
C ALA D 82 40.31 1.91 -19.15
N TYR D 83 40.75 3.11 -18.78
CA TYR D 83 41.38 3.35 -17.49
C TYR D 83 40.67 4.47 -16.72
N TRP D 84 40.63 4.34 -15.40
CA TRP D 84 40.24 5.44 -14.53
C TRP D 84 41.46 6.33 -14.30
N VAL D 85 41.36 7.60 -14.69
CA VAL D 85 42.50 8.51 -14.72
C VAL D 85 42.29 9.63 -13.71
N GLY D 86 43.18 9.72 -12.73
CA GLY D 86 43.21 10.90 -11.89
C GLY D 86 43.68 12.09 -12.70
N GLU D 87 43.03 13.22 -12.53
CA GLU D 87 43.35 14.37 -13.36
C GLU D 87 44.79 14.82 -13.13
N GLY D 88 45.58 14.83 -14.21
CA GLY D 88 47.01 14.98 -14.16
C GLY D 88 47.80 13.68 -14.17
N GLN D 89 47.13 12.53 -14.11
CA GLN D 89 47.79 11.24 -14.31
C GLN D 89 47.89 10.89 -15.79
N LYS D 90 48.85 10.03 -16.12
CA LYS D 90 49.06 9.57 -17.50
C LYS D 90 47.96 8.64 -17.96
N ILE D 91 47.37 8.94 -19.12
CA ILE D 91 46.43 8.02 -19.78
C ILE D 91 47.21 6.90 -20.44
N GLU D 92 46.83 5.65 -20.17
CA GLU D 92 47.52 4.48 -20.70
C GLU D 92 46.93 4.03 -22.04
N THR D 93 47.57 3.02 -22.66
CA THR D 93 47.23 2.53 -23.99
C THR D 93 46.63 1.13 -23.98
N SER D 94 45.98 0.77 -25.08
CA SER D 94 45.57 -0.61 -25.37
C SER D 94 45.35 -0.76 -26.88
N LYS D 95 45.18 -2.01 -27.32
CA LYS D 95 45.01 -2.33 -28.74
C LYS D 95 43.80 -3.23 -29.01
N ALA D 96 43.30 -3.16 -30.24
CA ALA D 96 42.37 -4.12 -30.84
C ALA D 96 43.10 -5.38 -31.32
N THR D 97 42.31 -6.40 -31.68
CA THR D 97 42.82 -7.57 -32.40
C THR D 97 41.72 -8.18 -33.25
N TRP D 98 42.11 -8.91 -34.30
CA TRP D 98 41.21 -9.64 -35.18
C TRP D 98 41.67 -11.08 -35.38
N VAL D 99 40.81 -11.89 -36.00
CA VAL D 99 41.05 -13.32 -36.20
C VAL D 99 40.49 -13.77 -37.56
N ASN D 100 41.02 -14.89 -38.06
CA ASN D 100 40.62 -15.46 -39.35
C ASN D 100 39.90 -16.80 -39.21
N ALA D 101 38.89 -17.03 -40.07
CA ALA D 101 38.23 -18.33 -40.22
C ALA D 101 38.06 -18.65 -41.70
N THR D 102 37.96 -19.95 -42.04
CA THR D 102 37.87 -20.39 -43.44
C THR D 102 36.95 -21.59 -43.61
N MET D 103 36.33 -21.70 -44.80
CA MET D 103 35.55 -22.88 -45.21
C MET D 103 36.00 -23.40 -46.57
N ARG D 104 35.93 -24.74 -46.72
CA ARG D 104 36.51 -25.48 -47.84
C ARG D 104 35.46 -26.34 -48.52
N ALA D 105 35.59 -26.55 -49.83
CA ALA D 105 34.79 -27.53 -50.57
C ALA D 105 35.44 -28.93 -50.58
N PHE D 106 34.61 -29.94 -50.85
CA PHE D 106 35.05 -31.30 -51.15
C PHE D 106 34.13 -31.93 -52.20
N LYS D 107 34.64 -32.95 -52.90
CA LYS D 107 33.97 -33.54 -54.05
C LYS D 107 33.22 -34.83 -53.66
N LEU D 108 31.91 -34.85 -53.93
CA LEU D 108 31.09 -36.07 -53.98
C LEU D 108 31.11 -36.71 -55.36
N GLY D 109 31.03 -38.05 -55.41
CA GLY D 109 30.97 -38.72 -56.69
C GLY D 109 30.61 -40.20 -56.69
N VAL D 110 30.02 -40.68 -57.78
CA VAL D 110 29.67 -42.09 -57.95
C VAL D 110 29.74 -42.45 -59.44
N ILE D 111 29.95 -43.73 -59.72
CA ILE D 111 29.86 -44.29 -61.08
C ILE D 111 28.93 -45.50 -61.08
N LEU D 112 27.96 -45.52 -62.01
CA LEU D 112 27.04 -46.65 -62.17
C LEU D 112 27.29 -47.43 -63.46
N PRO D 113 27.99 -48.57 -63.41
CA PRO D 113 28.25 -49.36 -64.62
C PRO D 113 27.11 -50.29 -65.01
N VAL D 114 26.92 -50.45 -66.33
CA VAL D 114 25.79 -51.18 -66.91
C VAL D 114 26.25 -51.99 -68.12
N THR D 115 25.88 -53.26 -68.18
CA THR D 115 26.13 -54.08 -69.36
C THR D 115 25.12 -53.72 -70.44
N LYS D 116 25.57 -53.52 -71.67
CA LYS D 116 24.69 -52.90 -72.66
C LYS D 116 23.51 -53.78 -73.10
N GLU D 117 23.55 -55.10 -72.90
CA GLU D 117 22.31 -55.87 -72.97
C GLU D 117 21.26 -55.38 -71.97
N PHE D 118 21.68 -55.05 -70.76
CA PHE D 118 20.75 -54.51 -69.78
C PHE D 118 20.12 -53.22 -70.28
N LEU D 119 20.92 -52.37 -70.90
CA LEU D 119 20.45 -51.09 -71.39
C LEU D 119 19.61 -51.20 -72.66
N ASN D 120 19.63 -52.35 -73.34
CA ASN D 120 18.80 -52.58 -74.52
C ASN D 120 17.52 -53.33 -74.20
N TYR D 121 17.62 -54.45 -73.49
CA TYR D 121 16.50 -55.35 -73.24
C TYR D 121 15.83 -55.12 -71.90
N THR D 122 16.62 -55.06 -70.82
CA THR D 122 16.05 -55.08 -69.48
C THR D 122 15.46 -53.76 -69.05
N TYR D 123 16.18 -52.64 -69.20
CA TYR D 123 15.68 -51.36 -68.69
C TYR D 123 16.34 -50.20 -69.47
N SER D 124 15.71 -49.81 -70.57
CA SER D 124 16.32 -48.86 -71.50
C SER D 124 16.53 -47.47 -70.89
N GLN D 125 15.52 -46.92 -70.22
CA GLN D 125 15.61 -45.57 -69.64
C GLN D 125 16.36 -45.49 -68.32
N PHE D 126 17.09 -46.53 -67.93
CA PHE D 126 17.72 -46.59 -66.62
C PHE D 126 18.49 -45.31 -66.26
N PHE D 127 19.39 -44.84 -67.11
CA PHE D 127 20.18 -43.66 -66.77
C PHE D 127 19.40 -42.34 -66.73
N GLU D 128 18.21 -42.25 -67.31
CA GLU D 128 17.39 -41.07 -67.07
C GLU D 128 16.58 -41.19 -65.79
N GLU D 129 16.09 -42.38 -65.50
CA GLU D 129 15.30 -42.59 -64.29
C GLU D 129 16.18 -42.65 -63.04
N MET D 130 17.46 -42.99 -63.19
CA MET D 130 18.36 -43.05 -62.05
C MET D 130 18.94 -41.70 -61.61
N LYS D 131 18.87 -40.68 -62.44
CA LYS D 131 19.45 -39.39 -62.07
C LYS D 131 18.87 -38.80 -60.79
N PRO D 132 17.55 -38.71 -60.59
CA PRO D 132 17.04 -38.31 -59.28
C PRO D 132 17.52 -39.16 -58.13
N MET D 133 17.68 -40.45 -58.35
CA MET D 133 18.04 -41.38 -57.29
C MET D 133 19.52 -41.29 -56.92
N ILE D 134 20.35 -40.69 -57.76
CA ILE D 134 21.71 -40.32 -57.38
C ILE D 134 21.73 -39.04 -56.57
N ALA D 135 21.01 -38.02 -57.02
CA ALA D 135 20.98 -36.75 -56.29
C ALA D 135 20.51 -36.93 -54.85
N GLU D 136 19.50 -37.76 -54.64
CA GLU D 136 19.13 -38.15 -53.28
C GLU D 136 20.32 -38.74 -52.51
N ALA D 137 21.07 -39.64 -53.12
CA ALA D 137 22.21 -40.26 -52.43
C ALA D 137 23.30 -39.26 -52.09
N PHE D 138 23.47 -38.22 -52.91
CA PHE D 138 24.42 -37.15 -52.57
C PHE D 138 23.92 -36.28 -51.41
N TYR D 139 22.64 -35.91 -51.44
CA TYR D 139 22.07 -35.14 -50.35
C TYR D 139 22.14 -35.88 -49.02
N LYS D 140 21.78 -37.16 -49.02
CA LYS D 140 21.91 -37.98 -47.82
C LYS D 140 23.36 -38.12 -47.34
N LYS D 141 24.32 -38.17 -48.27
CA LYS D 141 25.72 -38.22 -47.89
C LYS D 141 26.19 -36.91 -47.25
N PHE D 142 25.71 -35.78 -47.76
CA PHE D 142 26.07 -34.49 -47.19
C PHE D 142 25.36 -34.25 -45.85
N ASP D 143 24.07 -34.54 -45.76
CA ASP D 143 23.35 -34.39 -44.49
C ASP D 143 23.98 -35.23 -43.38
N GLU D 144 24.27 -36.50 -43.66
CA GLU D 144 24.87 -37.36 -42.65
C GLU D 144 26.26 -36.89 -42.21
N ALA D 145 27.02 -36.30 -43.13
CA ALA D 145 28.32 -35.73 -42.77
C ALA D 145 28.16 -34.46 -41.95
N GLY D 146 27.36 -33.51 -42.43
CA GLY D 146 27.26 -32.22 -41.77
C GLY D 146 26.52 -32.26 -40.45
N ILE D 147 25.46 -33.07 -40.36
CA ILE D 147 24.75 -33.22 -39.08
C ILE D 147 25.52 -34.16 -38.16
N LEU D 148 25.68 -35.41 -38.55
CA LEU D 148 25.98 -36.47 -37.60
C LEU D 148 27.46 -36.79 -37.45
N ASN D 149 28.33 -36.18 -38.26
CA ASN D 149 29.74 -36.56 -38.31
C ASN D 149 29.91 -38.03 -38.71
N GLN D 150 29.16 -38.48 -39.70
CA GLN D 150 29.13 -39.88 -40.09
C GLN D 150 29.44 -40.00 -41.58
N GLY D 151 29.87 -41.20 -41.97
CA GLY D 151 30.18 -41.47 -43.36
C GLY D 151 31.53 -40.94 -43.82
N ASN D 152 32.53 -40.96 -42.93
CA ASN D 152 33.88 -40.46 -43.22
C ASN D 152 33.84 -39.04 -43.78
N ASN D 153 33.22 -38.13 -43.03
CA ASN D 153 33.09 -36.77 -43.50
C ASN D 153 34.47 -36.13 -43.65
N PRO D 154 34.70 -35.34 -44.69
CA PRO D 154 36.05 -34.82 -44.93
C PRO D 154 36.37 -33.58 -44.14
N PHE D 155 35.33 -32.84 -43.76
CA PHE D 155 35.49 -31.64 -42.98
C PHE D 155 35.97 -31.99 -41.57
N GLY D 156 36.52 -30.99 -40.88
CA GLY D 156 36.72 -31.08 -39.46
C GLY D 156 35.53 -30.63 -38.65
N LYS D 157 34.40 -30.44 -39.30
CA LYS D 157 33.29 -29.64 -38.79
C LYS D 157 32.02 -30.47 -38.84
N SER D 158 31.21 -30.39 -37.79
CA SER D 158 29.88 -30.99 -37.81
C SER D 158 29.09 -30.50 -36.61
N ILE D 159 27.78 -30.67 -36.68
CA ILE D 159 26.93 -30.40 -35.52
C ILE D 159 27.22 -31.37 -34.38
N ALA D 160 27.39 -32.65 -34.69
CA ALA D 160 27.73 -33.62 -33.64
C ALA D 160 29.04 -33.28 -32.94
N GLN D 161 30.04 -32.77 -33.67
CA GLN D 161 31.26 -32.29 -32.99
C GLN D 161 31.05 -30.98 -32.25
N SER D 162 30.19 -30.10 -32.75
CA SER D 162 29.90 -28.86 -32.03
C SER D 162 29.30 -29.16 -30.66
N ILE D 163 28.31 -30.06 -30.62
CA ILE D 163 27.69 -30.46 -29.37
C ILE D 163 28.67 -31.21 -28.48
N GLU D 164 29.41 -32.15 -29.05
CA GLU D 164 30.35 -32.93 -28.25
C GLU D 164 31.49 -32.08 -27.71
N LYS D 165 31.81 -30.97 -28.38
CA LYS D 165 32.81 -30.04 -27.86
C LYS D 165 32.24 -29.16 -26.74
N THR D 166 31.12 -28.50 -26.97
CA THR D 166 30.49 -27.65 -25.96
C THR D 166 29.75 -28.44 -24.89
N ASN D 167 29.68 -29.76 -25.01
CA ASN D 167 29.02 -30.65 -24.05
C ASN D 167 27.56 -30.27 -23.79
N LYS D 168 26.92 -29.64 -24.77
CA LYS D 168 25.57 -29.05 -24.63
C LYS D 168 24.48 -30.13 -24.79
N VAL D 169 24.50 -31.12 -23.89
CA VAL D 169 23.74 -32.36 -23.99
C VAL D 169 22.83 -32.55 -22.77
N ILE D 170 21.58 -32.99 -23.02
CA ILE D 170 20.63 -33.39 -21.99
C ILE D 170 20.48 -34.92 -21.98
N LYS D 171 20.81 -35.57 -20.87
CA LYS D 171 20.38 -36.94 -20.61
C LYS D 171 18.92 -36.95 -20.17
N GLY D 172 18.04 -37.65 -20.90
CA GLY D 172 16.68 -37.80 -20.41
C GLY D 172 15.64 -38.35 -21.39
N ASP D 173 14.51 -38.78 -20.85
CA ASP D 173 13.31 -39.05 -21.63
C ASP D 173 12.69 -37.73 -22.10
N PHE D 174 11.77 -37.83 -23.08
CA PHE D 174 11.09 -36.63 -23.56
C PHE D 174 10.03 -36.19 -22.56
N THR D 175 10.17 -34.98 -22.04
CA THR D 175 9.17 -34.34 -21.18
C THR D 175 9.20 -32.86 -21.52
N GLN D 176 8.14 -32.13 -21.14
CA GLN D 176 8.13 -30.70 -21.42
C GLN D 176 9.28 -29.98 -20.72
N ASP D 177 9.61 -30.39 -19.49
CA ASP D 177 10.78 -29.82 -18.83
C ASP D 177 12.09 -30.16 -19.53
N ASN D 178 12.19 -31.34 -20.15
CA ASN D 178 13.39 -31.66 -20.92
C ASN D 178 13.43 -30.98 -22.29
N ILE D 179 12.28 -30.72 -22.90
CA ILE D 179 12.26 -29.87 -24.09
C ILE D 179 12.64 -28.44 -23.75
N ILE D 180 12.12 -27.90 -22.65
CA ILE D 180 12.45 -26.53 -22.26
C ILE D 180 13.90 -26.42 -21.78
N ASP D 181 14.41 -27.42 -21.06
CA ASP D 181 15.84 -27.42 -20.77
C ASP D 181 16.69 -27.51 -22.02
N LEU D 182 16.28 -28.31 -22.99
CA LEU D 182 17.02 -28.39 -24.25
C LEU D 182 17.07 -27.05 -24.96
N GLU D 183 15.93 -26.36 -25.07
CA GLU D 183 15.93 -25.02 -25.65
C GLU D 183 16.72 -24.04 -24.81
N ALA D 184 16.58 -24.10 -23.49
CA ALA D 184 17.27 -23.15 -22.62
C ALA D 184 18.79 -23.31 -22.62
N LEU D 185 19.30 -24.49 -22.98
CA LEU D 185 20.74 -24.61 -23.23
C LEU D 185 21.23 -23.67 -24.32
N LEU D 186 20.37 -23.27 -25.26
CA LEU D 186 20.79 -22.27 -26.24
C LEU D 186 20.69 -20.86 -25.70
N GLU D 187 19.53 -20.51 -25.14
CA GLU D 187 19.28 -19.13 -24.76
C GLU D 187 20.09 -18.70 -23.55
N ASP D 188 20.70 -19.63 -22.83
CA ASP D 188 21.78 -19.28 -21.91
C ASP D 188 22.80 -18.40 -22.62
N ASP D 189 23.21 -18.80 -23.81
CA ASP D 189 24.23 -18.11 -24.58
C ASP D 189 23.64 -17.19 -25.64
N GLU D 190 22.46 -16.62 -25.36
CA GLU D 190 21.84 -15.55 -26.12
C GLU D 190 21.41 -15.95 -27.53
N LEU D 191 21.41 -17.25 -27.86
CA LEU D 191 20.94 -17.76 -29.14
C LEU D 191 19.61 -18.47 -28.95
N GLU D 192 18.68 -18.24 -29.88
CA GLU D 192 17.35 -18.84 -29.84
C GLU D 192 17.16 -19.89 -30.94
N ALA D 193 16.60 -21.03 -30.55
CA ALA D 193 16.35 -22.15 -31.44
C ALA D 193 15.50 -21.78 -32.66
N ASN D 194 15.89 -22.30 -33.81
CA ASN D 194 15.23 -22.06 -35.08
C ASN D 194 14.43 -23.25 -35.59
N ALA D 195 14.82 -24.47 -35.24
CA ALA D 195 14.15 -25.69 -35.70
C ALA D 195 14.60 -26.87 -34.83
N PHE D 196 13.94 -28.01 -35.03
CA PHE D 196 14.36 -29.30 -34.47
C PHE D 196 14.69 -30.29 -35.57
N ILE D 197 15.62 -31.20 -35.27
CA ILE D 197 15.94 -32.37 -36.09
C ILE D 197 15.57 -33.62 -35.30
N SER D 198 14.76 -34.50 -35.89
CA SER D 198 14.37 -35.72 -35.18
C SER D 198 14.25 -36.92 -36.11
N LYS D 199 14.42 -38.11 -35.51
CA LYS D 199 14.06 -39.38 -36.11
C LYS D 199 12.53 -39.48 -36.16
N THR D 200 11.96 -39.66 -37.35
CA THR D 200 10.50 -39.62 -37.48
C THR D 200 9.78 -40.65 -36.62
N GLN D 201 10.44 -41.74 -36.26
CA GLN D 201 9.86 -42.77 -35.41
C GLN D 201 9.56 -42.36 -33.97
N ASN D 202 9.95 -41.16 -33.54
CA ASN D 202 9.63 -40.72 -32.18
C ASN D 202 8.47 -39.70 -32.10
N ARG D 203 7.74 -39.47 -33.20
CA ARG D 203 6.44 -38.81 -33.10
C ARG D 203 5.50 -39.54 -32.14
N SER D 204 5.72 -40.84 -31.93
CA SER D 204 5.00 -41.60 -30.92
C SER D 204 5.30 -41.17 -29.49
N LEU D 205 6.48 -40.63 -29.23
CA LEU D 205 6.76 -40.04 -27.93
C LEU D 205 6.24 -38.62 -27.80
N LEU D 206 6.42 -37.79 -28.82
CA LEU D 206 6.03 -36.39 -28.73
C LEU D 206 4.52 -36.16 -28.58
N ARG D 207 3.67 -37.05 -29.09
CA ARG D 207 2.24 -36.91 -28.82
C ARG D 207 1.86 -37.08 -27.35
N LYS D 208 2.70 -37.70 -26.53
CA LYS D 208 2.35 -37.98 -25.15
C LYS D 208 2.61 -36.83 -24.18
N ILE D 209 3.13 -35.70 -24.64
CA ILE D 209 3.54 -34.60 -23.77
C ILE D 209 2.56 -33.44 -23.91
N VAL D 210 2.03 -32.97 -22.77
CA VAL D 210 1.07 -31.86 -22.72
C VAL D 210 1.56 -30.78 -21.77
N ASP D 211 1.35 -29.53 -22.17
CA ASP D 211 1.64 -28.37 -21.33
C ASP D 211 0.67 -28.28 -20.15
N PRO D 212 1.11 -28.52 -18.91
CA PRO D 212 0.15 -28.66 -17.81
C PRO D 212 -0.48 -27.35 -17.36
N GLU D 213 -0.05 -26.20 -17.90
CA GLU D 213 -0.84 -24.98 -17.75
C GLU D 213 -1.98 -24.95 -18.76
N THR D 214 -1.66 -24.88 -20.05
CA THR D 214 -2.69 -24.78 -21.08
C THR D 214 -3.42 -26.10 -21.27
N LYS D 215 -2.87 -27.19 -20.72
CA LYS D 215 -3.46 -28.53 -20.79
C LYS D 215 -3.74 -28.98 -22.22
N GLU D 216 -2.76 -28.77 -23.10
CA GLU D 216 -2.84 -29.23 -24.48
C GLU D 216 -1.48 -29.73 -24.96
N ARG D 217 -1.50 -30.44 -26.08
CA ARG D 217 -0.29 -31.07 -26.63
C ARG D 217 0.75 -30.03 -27.02
N ILE D 218 2.00 -30.21 -26.55
CA ILE D 218 3.08 -29.34 -26.98
C ILE D 218 3.46 -29.58 -28.44
N TYR D 219 3.06 -30.72 -29.00
CA TYR D 219 3.45 -31.16 -30.34
C TYR D 219 2.23 -31.16 -31.26
N ASP D 220 2.28 -30.33 -32.30
CA ASP D 220 1.23 -30.30 -33.32
C ASP D 220 1.60 -31.28 -34.41
N ARG D 221 0.93 -32.44 -34.41
CA ARG D 221 1.21 -33.51 -35.35
C ARG D 221 0.79 -33.18 -36.78
N ASN D 222 -0.13 -32.23 -36.96
CA ASN D 222 -0.54 -31.85 -38.32
C ASN D 222 0.43 -30.85 -38.93
N SER D 223 0.87 -29.88 -38.15
CA SER D 223 1.94 -28.99 -38.58
C SER D 223 3.29 -29.69 -38.57
N ASP D 224 3.43 -30.74 -37.77
CA ASP D 224 4.71 -31.32 -37.39
C ASP D 224 5.65 -30.26 -36.84
N SER D 225 5.17 -29.55 -35.83
CA SER D 225 5.92 -28.49 -35.18
C SER D 225 5.84 -28.67 -33.67
N LEU D 226 6.97 -28.53 -33.01
CA LEU D 226 7.12 -28.75 -31.58
C LEU D 226 7.41 -27.42 -30.92
N ASP D 227 6.62 -27.06 -29.91
CA ASP D 227 6.78 -25.77 -29.23
C ASP D 227 6.82 -24.61 -30.22
N GLY D 228 6.03 -24.72 -31.29
CA GLY D 228 5.96 -23.71 -32.33
C GLY D 228 7.08 -23.72 -33.35
N LEU D 229 8.10 -24.56 -33.18
CA LEU D 229 9.22 -24.62 -34.11
C LEU D 229 9.07 -25.82 -35.03
N PRO D 230 9.39 -25.73 -36.32
CA PRO D 230 9.26 -26.88 -37.21
C PRO D 230 10.24 -27.99 -36.84
N VAL D 231 9.74 -29.23 -36.90
CA VAL D 231 10.58 -30.42 -36.78
C VAL D 231 10.83 -30.96 -38.18
N VAL D 232 12.10 -31.10 -38.58
CA VAL D 232 12.46 -31.83 -39.79
C VAL D 232 12.87 -33.25 -39.42
N ASN D 233 12.57 -34.18 -40.32
CA ASN D 233 12.76 -35.61 -40.11
C ASN D 233 14.02 -36.07 -40.86
N LEU D 234 14.86 -36.86 -40.20
CA LEU D 234 15.95 -37.57 -40.86
C LEU D 234 15.62 -39.05 -40.97
N LYS D 235 15.70 -39.59 -42.20
CA LYS D 235 15.54 -41.01 -42.44
C LYS D 235 16.77 -41.84 -42.09
N SER D 236 17.93 -41.20 -41.92
CA SER D 236 19.19 -41.91 -41.77
C SER D 236 19.21 -42.81 -40.53
N SER D 237 19.98 -43.90 -40.64
CA SER D 237 19.99 -44.98 -39.67
C SER D 237 20.71 -44.65 -38.37
N ASN D 238 21.49 -43.58 -38.34
CA ASN D 238 22.43 -43.34 -37.24
C ASN D 238 21.82 -42.56 -36.07
N LEU D 239 20.87 -41.66 -36.32
CA LEU D 239 20.18 -40.96 -35.23
C LEU D 239 19.14 -41.87 -34.60
N LYS D 240 19.36 -42.24 -33.33
CA LYS D 240 18.54 -43.25 -32.65
C LYS D 240 17.14 -42.73 -32.31
N ARG D 241 16.27 -43.68 -31.96
CA ARG D 241 14.88 -43.41 -31.60
C ARG D 241 14.75 -42.30 -30.55
N GLY D 242 15.47 -42.42 -29.45
CA GLY D 242 15.34 -41.48 -28.34
C GLY D 242 16.09 -40.17 -28.40
N GLU D 243 16.60 -39.78 -29.58
CA GLU D 243 17.46 -38.62 -29.72
C GLU D 243 16.80 -37.49 -30.51
N LEU D 244 16.99 -36.26 -30.03
CA LEU D 244 16.41 -35.06 -30.61
C LEU D 244 17.47 -33.95 -30.60
N ILE D 245 17.55 -33.17 -31.70
CA ILE D 245 18.54 -32.13 -31.85
C ILE D 245 17.88 -30.79 -32.17
N THR D 246 18.49 -29.69 -31.71
CA THR D 246 18.00 -28.35 -32.04
C THR D 246 19.16 -27.36 -32.11
N GLY D 247 18.93 -26.25 -32.81
CA GLY D 247 19.93 -25.19 -32.88
C GLY D 247 19.39 -23.99 -33.63
N ASP D 248 20.21 -22.92 -33.67
CA ASP D 248 19.99 -21.80 -34.59
C ASP D 248 20.68 -22.09 -35.91
N PHE D 249 19.98 -22.77 -36.80
CA PHE D 249 20.58 -23.28 -38.03
C PHE D 249 21.05 -22.19 -39.02
N ASP D 250 20.74 -20.92 -38.80
CA ASP D 250 21.45 -19.88 -39.54
C ASP D 250 22.94 -19.83 -39.22
N LYS D 251 23.37 -20.42 -38.11
CA LYS D 251 24.77 -20.56 -37.79
C LYS D 251 25.44 -21.75 -38.46
N LEU D 252 24.70 -22.53 -39.24
CA LEU D 252 25.28 -23.56 -40.11
C LEU D 252 25.21 -23.10 -41.56
N ILE D 253 26.38 -23.00 -42.19
CA ILE D 253 26.55 -22.34 -43.48
C ILE D 253 27.07 -23.35 -44.49
N TYR D 254 26.59 -23.27 -45.73
CA TYR D 254 27.04 -24.16 -46.78
C TYR D 254 27.13 -23.41 -48.10
N GLY D 255 27.90 -23.99 -49.02
CA GLY D 255 28.00 -23.46 -50.37
C GLY D 255 28.25 -24.59 -51.36
N ILE D 256 27.95 -24.31 -52.63
CA ILE D 256 28.03 -25.33 -53.67
C ILE D 256 28.72 -24.74 -54.90
N PRO D 257 30.05 -24.83 -54.98
CA PRO D 257 30.75 -24.34 -56.18
C PRO D 257 30.34 -25.02 -57.47
N GLN D 258 30.05 -26.33 -57.44
CA GLN D 258 29.61 -27.08 -58.62
C GLN D 258 28.35 -27.85 -58.29
N LEU D 259 27.28 -27.58 -59.03
CA LEU D 259 26.06 -28.38 -58.97
C LEU D 259 26.31 -29.78 -59.54
N ILE D 260 25.35 -30.69 -59.31
CA ILE D 260 25.54 -32.08 -59.76
C ILE D 260 25.68 -32.12 -61.27
N GLU D 261 26.83 -32.62 -61.73
CA GLU D 261 27.13 -32.80 -63.14
C GLU D 261 27.15 -34.28 -63.49
N TYR D 262 26.51 -34.65 -64.60
CA TYR D 262 26.45 -36.03 -65.06
C TYR D 262 27.21 -36.17 -66.37
N LYS D 263 27.94 -37.28 -66.52
CA LYS D 263 28.55 -37.67 -67.78
C LYS D 263 28.38 -39.16 -68.01
N ILE D 264 27.91 -39.55 -69.19
CA ILE D 264 27.82 -40.96 -69.59
C ILE D 264 28.97 -41.29 -70.52
N ASP D 265 29.59 -42.45 -70.30
CA ASP D 265 30.79 -42.85 -71.04
C ASP D 265 30.73 -44.31 -71.46
N GLU D 266 31.25 -44.58 -72.66
CA GLU D 266 31.13 -45.89 -73.31
C GLU D 266 32.50 -46.45 -73.68
N THR D 267 33.57 -46.00 -73.02
CA THR D 267 34.92 -46.33 -73.46
C THR D 267 35.96 -46.41 -72.34
N ALA D 268 35.75 -45.72 -71.23
CA ALA D 268 36.69 -45.68 -70.13
C ALA D 268 37.03 -47.07 -69.57
N GLN D 269 38.03 -47.11 -68.70
CA GLN D 269 38.37 -48.27 -67.88
C GLN D 269 38.01 -47.99 -66.43
N LEU D 270 37.29 -48.91 -65.81
CA LEU D 270 36.89 -48.78 -64.40
C LEU D 270 37.84 -49.55 -63.50
N SER D 271 38.93 -48.88 -63.10
CA SER D 271 39.98 -49.51 -62.31
C SER D 271 39.46 -50.15 -61.03
N THR D 272 38.40 -49.61 -60.45
CA THR D 272 37.85 -50.08 -59.19
C THR D 272 36.99 -51.34 -59.28
N VAL D 273 36.65 -51.81 -60.48
CA VAL D 273 35.85 -53.03 -60.66
C VAL D 273 36.69 -54.05 -61.42
N LYS D 274 36.91 -55.21 -60.81
CA LYS D 274 37.70 -56.28 -61.43
C LYS D 274 36.81 -57.27 -62.16
N ASN D 275 37.29 -57.75 -63.30
CA ASN D 275 36.79 -58.98 -63.89
C ASN D 275 37.12 -60.16 -62.98
N GLU D 276 36.48 -61.30 -63.27
CA GLU D 276 36.69 -62.50 -62.45
C GLU D 276 38.16 -62.92 -62.40
N ASP D 277 38.89 -62.72 -63.48
CA ASP D 277 40.32 -63.06 -63.51
C ASP D 277 41.19 -61.99 -62.88
N GLY D 278 40.61 -60.88 -62.41
CA GLY D 278 41.34 -59.81 -61.76
C GLY D 278 41.78 -58.67 -62.64
N THR D 279 41.62 -58.77 -63.96
CA THR D 279 41.89 -57.64 -64.83
C THR D 279 40.81 -56.57 -64.65
N PRO D 280 41.14 -55.28 -64.77
CA PRO D 280 40.12 -54.23 -64.70
C PRO D 280 39.12 -54.28 -65.85
N VAL D 281 37.90 -53.80 -65.56
CA VAL D 281 36.85 -53.67 -66.56
C VAL D 281 37.19 -52.59 -67.59
N ASN D 282 37.16 -52.96 -68.88
CA ASN D 282 37.25 -52.01 -69.99
C ASN D 282 35.88 -51.91 -70.67
N LEU D 283 35.33 -50.69 -70.73
CA LEU D 283 33.95 -50.54 -71.20
C LEU D 283 33.80 -50.75 -72.72
N PHE D 284 34.78 -50.35 -73.53
CA PHE D 284 34.66 -50.54 -74.98
C PHE D 284 34.84 -52.00 -75.35
N GLU D 285 35.90 -52.61 -74.86
CA GLU D 285 36.19 -54.01 -75.16
C GLU D 285 35.13 -54.94 -74.62
N GLN D 286 34.53 -54.63 -73.48
CA GLN D 286 33.54 -55.49 -72.86
C GLN D 286 32.09 -55.08 -73.15
N ASP D 287 31.87 -54.21 -74.13
CA ASP D 287 30.53 -53.88 -74.62
C ASP D 287 29.62 -53.33 -73.52
N MET D 288 30.11 -52.30 -72.83
CA MET D 288 29.58 -51.89 -71.53
C MET D 288 29.47 -50.37 -71.48
N VAL D 289 28.68 -49.85 -70.53
CA VAL D 289 28.41 -48.42 -70.40
C VAL D 289 28.47 -48.03 -68.92
N ALA D 290 28.81 -46.76 -68.65
CA ALA D 290 28.78 -46.23 -67.28
C ALA D 290 28.36 -44.77 -67.22
N LEU D 291 27.65 -44.41 -66.15
CA LEU D 291 27.31 -43.02 -65.82
C LEU D 291 28.14 -42.53 -64.64
N ARG D 292 28.80 -41.38 -64.81
CA ARG D 292 29.50 -40.69 -63.73
C ARG D 292 28.71 -39.48 -63.26
N ALA D 293 28.58 -39.30 -61.94
CA ALA D 293 28.03 -38.09 -61.34
C ALA D 293 28.99 -37.53 -60.29
N THR D 294 29.15 -36.19 -60.26
CA THR D 294 29.99 -35.53 -59.26
C THR D 294 29.40 -34.19 -58.83
N MET D 295 29.72 -33.80 -57.59
CA MET D 295 29.26 -32.54 -57.00
C MET D 295 30.31 -32.03 -56.02
N HIS D 296 30.45 -30.70 -55.91
CA HIS D 296 31.29 -30.07 -54.89
C HIS D 296 30.44 -29.33 -53.87
N VAL D 297 30.61 -29.67 -52.59
CA VAL D 297 29.86 -29.09 -51.49
C VAL D 297 30.82 -28.55 -50.43
N ALA D 298 30.42 -27.47 -49.76
CA ALA D 298 31.24 -26.82 -48.74
C ALA D 298 30.41 -26.56 -47.49
N LEU D 299 31.03 -26.75 -46.32
CA LEU D 299 30.34 -26.66 -45.04
C LEU D 299 31.12 -25.79 -44.06
N HIS D 300 30.41 -24.92 -43.35
CA HIS D 300 31.00 -24.13 -42.27
C HIS D 300 30.01 -24.05 -41.12
N ILE D 301 30.52 -24.15 -39.89
CA ILE D 301 29.72 -23.92 -38.69
C ILE D 301 30.27 -22.67 -38.02
N ALA D 302 29.45 -21.61 -38.03
CA ALA D 302 29.94 -20.26 -37.70
C ALA D 302 30.06 -20.03 -36.20
N ASP D 303 29.23 -20.69 -35.38
CA ASP D 303 29.34 -20.59 -33.92
C ASP D 303 28.89 -21.92 -33.33
N ASP D 304 29.85 -22.73 -32.88
CA ASP D 304 29.56 -24.10 -32.48
C ASP D 304 28.92 -24.23 -31.10
N LYS D 305 28.60 -23.15 -30.40
CA LYS D 305 27.68 -23.23 -29.27
C LYS D 305 26.20 -23.15 -29.66
N ALA D 306 25.89 -23.00 -30.93
CA ALA D 306 24.51 -22.80 -31.37
C ALA D 306 23.67 -24.09 -31.45
N PHE D 307 24.18 -25.24 -31.02
CA PHE D 307 23.51 -26.52 -31.24
C PHE D 307 23.48 -27.37 -29.97
N ALA D 308 22.35 -28.03 -29.70
CA ALA D 308 22.14 -28.79 -28.47
C ALA D 308 21.37 -30.08 -28.76
N LYS D 309 21.57 -31.08 -27.88
CA LYS D 309 21.08 -32.44 -28.10
C LYS D 309 20.43 -33.06 -26.86
N LEU D 310 19.29 -33.73 -27.06
CA LEU D 310 18.60 -34.54 -26.05
C LEU D 310 18.74 -36.02 -26.38
N VAL D 311 19.09 -36.84 -25.39
CA VAL D 311 19.54 -38.23 -25.62
C VAL D 311 19.09 -39.13 -24.46
N PRO D 312 18.82 -40.41 -24.68
CA PRO D 312 18.34 -41.27 -23.58
C PRO D 312 19.34 -41.44 -22.45
N ALA D 313 18.80 -41.55 -21.24
CA ALA D 313 19.57 -41.63 -20.00
C ALA D 313 20.30 -42.96 -19.84
#